data_2DO1
#
_entry.id   2DO1
#
_entity_poly.entity_id   1
_entity_poly.type   'polypeptide(L)'
_entity_poly.pdbx_seq_one_letter_code
;GSSGSSGVELHKLKLAELKQECLARGLETKGIKQDLIHRLQAYLEEHAESGPSSG
;
_entity_poly.pdbx_strand_id   A
#
# COMPACT_ATOMS: atom_id res chain seq x y z
N GLY A 1 16.88 -10.36 -13.80
CA GLY A 1 18.05 -11.02 -14.35
C GLY A 1 19.34 -10.42 -13.84
N SER A 2 19.54 -9.14 -14.09
CA SER A 2 20.75 -8.45 -13.65
C SER A 2 20.46 -6.99 -13.30
N SER A 3 21.11 -6.50 -12.26
CA SER A 3 20.91 -5.13 -11.82
C SER A 3 19.44 -4.75 -11.84
N GLY A 4 18.60 -5.67 -11.38
CA GLY A 4 17.17 -5.43 -11.35
C GLY A 4 16.64 -5.19 -9.95
N SER A 5 15.35 -4.89 -9.84
CA SER A 5 14.74 -4.65 -8.55
C SER A 5 13.55 -5.58 -8.32
N SER A 6 13.72 -6.55 -7.43
CA SER A 6 12.67 -7.51 -7.12
C SER A 6 11.98 -7.16 -5.81
N GLY A 7 10.90 -6.40 -5.89
CA GLY A 7 10.16 -6.01 -4.71
C GLY A 7 9.77 -4.55 -4.72
N VAL A 8 8.46 -4.29 -4.61
CA VAL A 8 7.95 -2.93 -4.61
C VAL A 8 7.71 -2.42 -3.19
N GLU A 9 8.06 -1.17 -2.94
CA GLU A 9 7.89 -0.57 -1.62
C GLU A 9 7.12 0.74 -1.72
N LEU A 10 6.17 0.94 -0.82
CA LEU A 10 5.37 2.16 -0.80
C LEU A 10 6.24 3.38 -0.54
N HIS A 11 7.11 3.27 0.46
CA HIS A 11 8.00 4.36 0.82
C HIS A 11 8.51 5.09 -0.42
N LYS A 12 9.02 4.31 -1.38
CA LYS A 12 9.54 4.87 -2.61
C LYS A 12 8.52 5.81 -3.26
N LEU A 13 7.27 5.39 -3.27
CA LEU A 13 6.20 6.18 -3.85
C LEU A 13 6.11 7.55 -3.19
N LYS A 14 5.81 8.58 -3.99
CA LYS A 14 5.70 9.93 -3.47
C LYS A 14 4.32 10.17 -2.85
N LEU A 15 4.12 11.36 -2.30
CA LEU A 15 2.86 11.71 -1.68
C LEU A 15 1.71 11.55 -2.66
N ALA A 16 1.90 12.04 -3.88
CA ALA A 16 0.88 11.94 -4.91
C ALA A 16 0.59 10.49 -5.26
N GLU A 17 1.63 9.67 -5.30
CA GLU A 17 1.47 8.26 -5.62
C GLU A 17 0.68 7.53 -4.53
N LEU A 18 1.00 7.83 -3.28
CA LEU A 18 0.33 7.20 -2.15
C LEU A 18 -1.15 7.55 -2.14
N LYS A 19 -1.45 8.83 -2.37
CA LYS A 19 -2.84 9.30 -2.39
C LYS A 19 -3.62 8.62 -3.51
N GLN A 20 -2.97 8.45 -4.66
CA GLN A 20 -3.60 7.81 -5.81
C GLN A 20 -4.02 6.38 -5.49
N GLU A 21 -3.14 5.66 -4.79
CA GLU A 21 -3.40 4.27 -4.43
C GLU A 21 -4.59 4.19 -3.47
N CYS A 22 -4.63 5.10 -2.50
CA CYS A 22 -5.70 5.12 -1.52
C CYS A 22 -7.04 5.43 -2.19
N LEU A 23 -7.01 6.29 -3.20
CA LEU A 23 -8.21 6.67 -3.91
C LEU A 23 -8.80 5.47 -4.66
N ALA A 24 -7.94 4.74 -5.35
CA ALA A 24 -8.38 3.56 -6.10
C ALA A 24 -8.90 2.47 -5.17
N ARG A 25 -8.26 2.34 -4.01
CA ARG A 25 -8.65 1.34 -3.03
C ARG A 25 -9.94 1.75 -2.32
N GLY A 26 -10.10 3.05 -2.11
CA GLY A 26 -11.29 3.56 -1.45
C GLY A 26 -11.06 3.84 0.03
N LEU A 27 -9.87 4.33 0.34
CA LEU A 27 -9.51 4.65 1.73
C LEU A 27 -9.45 6.16 1.93
N GLU A 28 -9.20 6.57 3.18
CA GLU A 28 -9.12 7.98 3.51
C GLU A 28 -7.76 8.56 3.11
N THR A 29 -7.77 9.45 2.14
CA THR A 29 -6.54 10.07 1.66
C THR A 29 -6.16 11.29 2.51
N LYS A 30 -6.36 11.17 3.82
CA LYS A 30 -6.06 12.25 4.74
C LYS A 30 -4.77 11.95 5.52
N GLY A 31 -4.24 12.98 6.19
CA GLY A 31 -3.02 12.80 6.96
C GLY A 31 -1.77 13.13 6.17
N ILE A 32 -0.63 12.64 6.63
CA ILE A 32 0.64 12.88 5.94
C ILE A 32 1.12 11.64 5.21
N LYS A 33 2.30 11.73 4.62
CA LYS A 33 2.89 10.60 3.90
C LYS A 33 2.84 9.34 4.73
N GLN A 34 3.28 9.43 5.99
CA GLN A 34 3.29 8.29 6.89
C GLN A 34 1.88 7.76 7.11
N ASP A 35 0.92 8.67 7.18
CA ASP A 35 -0.47 8.29 7.38
C ASP A 35 -1.00 7.46 6.21
N LEU A 36 -0.64 7.86 5.00
CA LEU A 36 -1.07 7.15 3.80
C LEU A 36 -0.44 5.76 3.73
N ILE A 37 0.85 5.69 4.02
CA ILE A 37 1.57 4.42 3.99
C ILE A 37 1.07 3.48 5.08
N HIS A 38 0.95 4.00 6.29
CA HIS A 38 0.47 3.22 7.43
C HIS A 38 -0.89 2.58 7.11
N ARG A 39 -1.78 3.37 6.53
CA ARG A 39 -3.11 2.89 6.18
C ARG A 39 -3.04 1.83 5.09
N LEU A 40 -2.16 2.06 4.12
CA LEU A 40 -1.99 1.12 3.01
C LEU A 40 -1.50 -0.24 3.52
N GLN A 41 -0.52 -0.22 4.41
CA GLN A 41 0.03 -1.44 4.98
C GLN A 41 -1.02 -2.19 5.79
N ALA A 42 -1.72 -1.46 6.66
CA ALA A 42 -2.75 -2.05 7.50
C ALA A 42 -3.81 -2.77 6.65
N TYR A 43 -4.17 -2.14 5.54
CA TYR A 43 -5.18 -2.72 4.64
C TYR A 43 -4.64 -3.96 3.95
N LEU A 44 -3.38 -3.90 3.52
CA LEU A 44 -2.74 -5.02 2.83
C LEU A 44 -2.67 -6.24 3.75
N GLU A 45 -2.21 -6.01 4.99
CA GLU A 45 -2.09 -7.09 5.96
C GLU A 45 -3.46 -7.71 6.26
N GLU A 46 -4.47 -6.86 6.40
CA GLU A 46 -5.82 -7.32 6.70
C GLU A 46 -6.39 -8.09 5.52
N HIS A 47 -6.29 -7.51 4.32
CA HIS A 47 -6.81 -8.15 3.12
C HIS A 47 -5.72 -8.97 2.44
N ALA A 48 -4.92 -9.66 3.24
CA ALA A 48 -3.84 -10.49 2.72
C ALA A 48 -4.38 -11.54 1.75
N GLU A 49 -3.70 -11.72 0.63
CA GLU A 49 -4.11 -12.69 -0.38
C GLU A 49 -3.53 -14.06 -0.08
N SER A 50 -2.20 -14.14 -0.05
CA SER A 50 -1.51 -15.40 0.23
C SER A 50 -1.37 -15.63 1.73
N GLY A 51 -1.34 -16.89 2.14
CA GLY A 51 -1.21 -17.21 3.54
C GLY A 51 0.16 -16.86 4.10
N PRO A 52 0.19 -16.46 5.37
CA PRO A 52 1.45 -16.07 6.05
C PRO A 52 2.36 -17.26 6.29
N SER A 53 1.79 -18.47 6.20
CA SER A 53 2.56 -19.69 6.42
C SER A 53 3.96 -19.55 5.84
N SER A 54 4.91 -19.18 6.69
CA SER A 54 6.30 -19.01 6.27
C SER A 54 7.13 -20.22 6.68
N GLY A 55 8.25 -20.42 5.98
CA GLY A 55 9.12 -21.54 6.28
C GLY A 55 8.79 -22.77 5.46
N GLY A 1 -6.10 -5.79 -17.62
CA GLY A 1 -5.10 -4.84 -17.20
C GLY A 1 -3.91 -5.49 -16.51
N SER A 2 -3.05 -4.69 -15.91
CA SER A 2 -1.88 -5.20 -15.21
C SER A 2 -2.23 -6.44 -14.40
N SER A 3 -1.27 -7.36 -14.29
CA SER A 3 -1.48 -8.59 -13.54
C SER A 3 -0.20 -9.04 -12.84
N GLY A 4 -0.25 -9.14 -11.53
CA GLY A 4 0.91 -9.55 -10.76
C GLY A 4 1.65 -8.38 -10.16
N SER A 5 2.45 -8.65 -9.13
CA SER A 5 3.22 -7.61 -8.47
C SER A 5 4.55 -8.15 -7.94
N SER A 6 5.57 -7.30 -7.95
CA SER A 6 6.89 -7.69 -7.48
C SER A 6 7.34 -6.82 -6.31
N GLY A 7 6.41 -6.56 -5.39
CA GLY A 7 6.72 -5.74 -4.23
C GLY A 7 6.44 -4.27 -4.47
N VAL A 8 5.19 -3.87 -4.28
CA VAL A 8 4.79 -2.48 -4.47
C VAL A 8 5.20 -1.62 -3.29
N GLU A 9 6.46 -1.20 -3.28
CA GLU A 9 6.98 -0.36 -2.20
C GLU A 9 6.14 0.90 -2.04
N LEU A 10 5.98 1.34 -0.79
CA LEU A 10 5.19 2.53 -0.49
C LEU A 10 6.10 3.75 -0.32
N HIS A 11 7.17 3.58 0.45
CA HIS A 11 8.11 4.67 0.68
C HIS A 11 8.56 5.30 -0.64
N LYS A 12 9.11 4.48 -1.53
CA LYS A 12 9.56 4.96 -2.82
C LYS A 12 8.54 5.91 -3.45
N LEU A 13 7.27 5.52 -3.40
CA LEU A 13 6.20 6.33 -3.96
C LEU A 13 6.11 7.67 -3.26
N LYS A 14 5.81 8.71 -4.04
CA LYS A 14 5.70 10.06 -3.49
C LYS A 14 4.33 10.27 -2.84
N LEU A 15 4.13 11.45 -2.25
CA LEU A 15 2.88 11.77 -1.59
C LEU A 15 1.70 11.66 -2.56
N ALA A 16 1.89 12.20 -3.77
CA ALA A 16 0.86 12.16 -4.79
C ALA A 16 0.55 10.73 -5.19
N GLU A 17 1.59 9.92 -5.33
CA GLU A 17 1.41 8.52 -5.72
C GLU A 17 0.66 7.75 -4.64
N LEU A 18 1.03 7.98 -3.39
CA LEU A 18 0.40 7.29 -2.26
C LEU A 18 -1.09 7.62 -2.21
N LYS A 19 -1.42 8.89 -2.34
CA LYS A 19 -2.81 9.34 -2.31
C LYS A 19 -3.62 8.66 -3.41
N GLN A 20 -3.03 8.56 -4.59
CA GLN A 20 -3.69 7.93 -5.73
C GLN A 20 -4.05 6.48 -5.42
N GLU A 21 -3.11 5.76 -4.83
CA GLU A 21 -3.31 4.36 -4.48
C GLU A 21 -4.47 4.21 -3.49
N CYS A 22 -4.54 5.14 -2.54
CA CYS A 22 -5.59 5.12 -1.53
C CYS A 22 -6.96 5.28 -2.18
N LEU A 23 -7.04 6.15 -3.17
CA LEU A 23 -8.30 6.42 -3.87
C LEU A 23 -8.77 5.18 -4.61
N ALA A 24 -7.85 4.50 -5.27
CA ALA A 24 -8.17 3.29 -6.02
C ALA A 24 -8.63 2.17 -5.09
N ARG A 25 -7.98 2.07 -3.93
CA ARG A 25 -8.32 1.05 -2.95
C ARG A 25 -9.60 1.41 -2.21
N GLY A 26 -9.84 2.70 -2.02
CA GLY A 26 -11.02 3.15 -1.32
C GLY A 26 -10.77 3.45 0.14
N LEU A 27 -9.60 4.03 0.43
CA LEU A 27 -9.23 4.36 1.80
C LEU A 27 -9.21 5.87 2.01
N GLU A 28 -8.94 6.29 3.24
CA GLU A 28 -8.89 7.70 3.57
C GLU A 28 -7.57 8.32 3.12
N THR A 29 -7.65 9.32 2.23
CA THR A 29 -6.47 9.99 1.72
C THR A 29 -6.13 11.22 2.55
N LYS A 30 -6.36 11.13 3.86
CA LYS A 30 -6.09 12.24 4.75
C LYS A 30 -4.89 11.94 5.65
N GLY A 31 -3.94 12.87 5.70
CA GLY A 31 -2.76 12.67 6.53
C GLY A 31 -1.47 12.86 5.75
N ILE A 32 -0.35 12.62 6.40
CA ILE A 32 0.96 12.76 5.76
C ILE A 32 1.41 11.45 5.14
N LYS A 33 2.54 11.48 4.46
CA LYS A 33 3.09 10.29 3.80
C LYS A 33 2.96 9.08 4.71
N GLN A 34 3.46 9.21 5.93
CA GLN A 34 3.40 8.11 6.90
C GLN A 34 1.96 7.66 7.13
N ASP A 35 1.06 8.63 7.23
CA ASP A 35 -0.36 8.32 7.45
C ASP A 35 -0.91 7.47 6.31
N LEU A 36 -0.57 7.84 5.08
CA LEU A 36 -1.03 7.10 3.91
C LEU A 36 -0.47 5.69 3.89
N ILE A 37 0.83 5.57 4.16
CA ILE A 37 1.48 4.27 4.18
C ILE A 37 0.92 3.39 5.28
N HIS A 38 0.80 3.95 6.49
CA HIS A 38 0.28 3.22 7.63
C HIS A 38 -1.09 2.62 7.31
N ARG A 39 -1.95 3.42 6.70
CA ARG A 39 -3.29 2.97 6.34
C ARG A 39 -3.24 1.99 5.18
N LEU A 40 -2.37 2.26 4.22
CA LEU A 40 -2.23 1.38 3.05
C LEU A 40 -1.75 0.00 3.47
N GLN A 41 -0.84 -0.04 4.42
CA GLN A 41 -0.31 -1.31 4.92
C GLN A 41 -1.36 -2.09 5.70
N ALA A 42 -2.08 -1.38 6.56
CA ALA A 42 -3.12 -2.00 7.37
C ALA A 42 -4.17 -2.69 6.49
N TYR A 43 -4.52 -2.03 5.38
CA TYR A 43 -5.51 -2.58 4.46
C TYR A 43 -4.95 -3.79 3.72
N LEU A 44 -3.70 -3.68 3.28
CA LEU A 44 -3.04 -4.76 2.55
C LEU A 44 -2.90 -6.00 3.43
N GLU A 45 -2.40 -5.80 4.65
CA GLU A 45 -2.22 -6.91 5.58
C GLU A 45 -3.55 -7.48 6.01
N GLU A 46 -4.50 -6.60 6.33
CA GLU A 46 -5.83 -7.03 6.76
C GLU A 46 -6.41 -8.06 5.79
N HIS A 47 -6.46 -7.69 4.51
CA HIS A 47 -7.00 -8.58 3.49
C HIS A 47 -6.02 -9.72 3.18
N ALA A 48 -4.80 -9.35 2.79
CA ALA A 48 -3.78 -10.33 2.47
C ALA A 48 -2.86 -10.58 3.67
N GLU A 49 -2.86 -11.81 4.17
CA GLU A 49 -2.03 -12.16 5.31
C GLU A 49 -0.55 -11.97 4.99
N SER A 50 0.03 -10.90 5.51
CA SER A 50 1.45 -10.61 5.27
C SER A 50 1.98 -9.66 6.34
N GLY A 51 3.31 -9.67 6.51
CA GLY A 51 3.93 -8.80 7.50
C GLY A 51 5.38 -8.52 7.17
N PRO A 52 6.29 -9.33 7.72
CA PRO A 52 7.73 -9.18 7.50
C PRO A 52 8.14 -9.51 6.08
N SER A 53 9.12 -8.78 5.55
CA SER A 53 9.60 -9.00 4.19
C SER A 53 10.86 -9.86 4.21
N SER A 54 11.80 -9.52 5.06
CA SER A 54 13.05 -10.26 5.17
C SER A 54 12.81 -11.68 5.66
N GLY A 55 12.95 -12.64 4.76
CA GLY A 55 12.74 -14.03 5.12
C GLY A 55 14.04 -14.77 5.40
N GLY A 1 -4.96 -14.21 -14.29
CA GLY A 1 -4.76 -13.91 -12.89
C GLY A 1 -3.29 -13.85 -12.50
N SER A 2 -2.73 -12.65 -12.45
CA SER A 2 -1.33 -12.47 -12.09
C SER A 2 -1.07 -12.90 -10.66
N SER A 3 -0.06 -13.76 -10.48
CA SER A 3 0.28 -14.24 -9.15
C SER A 3 1.77 -14.59 -9.07
N GLY A 4 2.50 -13.85 -8.24
CA GLY A 4 3.92 -14.09 -8.09
C GLY A 4 4.73 -12.81 -8.16
N SER A 5 4.24 -11.77 -7.49
CA SER A 5 4.93 -10.49 -7.48
C SER A 5 5.62 -10.25 -6.13
N SER A 6 6.75 -9.55 -6.16
CA SER A 6 7.50 -9.25 -4.96
C SER A 6 6.84 -8.13 -4.17
N GLY A 7 6.59 -7.00 -4.83
CA GLY A 7 5.96 -5.87 -4.17
C GLY A 7 6.54 -4.55 -4.63
N VAL A 8 5.83 -3.47 -4.34
CA VAL A 8 6.27 -2.13 -4.73
C VAL A 8 6.48 -1.25 -3.50
N GLU A 9 7.70 -0.75 -3.34
CA GLU A 9 8.03 0.10 -2.20
C GLU A 9 7.03 1.25 -2.09
N LEU A 10 6.28 1.25 -0.99
CA LEU A 10 5.28 2.29 -0.75
C LEU A 10 5.95 3.61 -0.37
N HIS A 11 6.98 3.53 0.47
CA HIS A 11 7.71 4.72 0.89
C HIS A 11 8.31 5.46 -0.30
N LYS A 12 8.96 4.71 -1.18
CA LYS A 12 9.58 5.29 -2.37
C LYS A 12 8.60 6.21 -3.09
N LEU A 13 7.40 5.70 -3.34
CA LEU A 13 6.38 6.47 -4.04
C LEU A 13 6.20 7.85 -3.40
N LYS A 14 5.87 8.84 -4.22
CA LYS A 14 5.67 10.20 -3.73
C LYS A 14 4.31 10.35 -3.06
N LEU A 15 4.07 11.50 -2.46
CA LEU A 15 2.81 11.76 -1.77
C LEU A 15 1.63 11.60 -2.73
N ALA A 16 1.78 12.14 -3.94
CA ALA A 16 0.73 12.04 -4.95
C ALA A 16 0.45 10.59 -5.31
N GLU A 17 1.51 9.79 -5.44
CA GLU A 17 1.36 8.38 -5.78
C GLU A 17 0.65 7.62 -4.68
N LEU A 18 1.01 7.90 -3.43
CA LEU A 18 0.40 7.25 -2.29
C LEU A 18 -1.09 7.53 -2.23
N LYS A 19 -1.45 8.79 -2.38
CA LYS A 19 -2.86 9.19 -2.35
C LYS A 19 -3.65 8.48 -3.46
N GLN A 20 -3.05 8.36 -4.63
CA GLN A 20 -3.69 7.70 -5.76
C GLN A 20 -4.04 6.25 -5.42
N GLU A 21 -3.09 5.55 -4.80
CA GLU A 21 -3.29 4.16 -4.42
C GLU A 21 -4.44 4.03 -3.41
N CYS A 22 -4.48 4.93 -2.45
CA CYS A 22 -5.52 4.93 -1.43
C CYS A 22 -6.87 5.31 -2.03
N LEU A 23 -6.85 6.27 -2.94
CA LEU A 23 -8.08 6.73 -3.60
C LEU A 23 -8.71 5.61 -4.41
N ALA A 24 -7.89 4.93 -5.21
CA ALA A 24 -8.37 3.83 -6.04
C ALA A 24 -8.89 2.68 -5.18
N ARG A 25 -8.20 2.40 -4.08
CA ARG A 25 -8.59 1.32 -3.19
C ARG A 25 -9.87 1.67 -2.44
N GLY A 26 -10.06 2.97 -2.18
CA GLY A 26 -11.24 3.42 -1.46
C GLY A 26 -10.98 3.66 0.01
N LEU A 27 -9.81 4.18 0.32
CA LEU A 27 -9.43 4.46 1.71
C LEU A 27 -9.36 5.95 1.97
N GLU A 28 -9.04 6.33 3.20
CA GLU A 28 -8.94 7.73 3.57
C GLU A 28 -7.61 8.32 3.10
N THR A 29 -7.69 9.30 2.20
CA THR A 29 -6.49 9.94 1.66
C THR A 29 -6.16 11.21 2.45
N LYS A 30 -6.32 11.15 3.76
CA LYS A 30 -6.04 12.28 4.63
C LYS A 30 -4.86 11.98 5.56
N GLY A 31 -3.91 12.89 5.61
CA GLY A 31 -2.75 12.71 6.47
C GLY A 31 -1.44 12.82 5.70
N ILE A 32 -0.33 12.67 6.42
CA ILE A 32 0.99 12.76 5.80
C ILE A 32 1.41 11.42 5.22
N LYS A 33 2.55 11.41 4.53
CA LYS A 33 3.07 10.19 3.92
C LYS A 33 2.91 9.00 4.86
N GLN A 34 3.42 9.15 6.08
CA GLN A 34 3.32 8.08 7.07
C GLN A 34 1.88 7.62 7.25
N ASP A 35 0.96 8.58 7.29
CA ASP A 35 -0.45 8.28 7.46
C ASP A 35 -0.97 7.44 6.30
N LEU A 36 -0.58 7.83 5.08
CA LEU A 36 -1.00 7.11 3.88
C LEU A 36 -0.43 5.70 3.86
N ILE A 37 0.86 5.58 4.12
CA ILE A 37 1.53 4.29 4.13
C ILE A 37 0.97 3.40 5.23
N HIS A 38 0.83 3.95 6.43
CA HIS A 38 0.30 3.21 7.57
C HIS A 38 -1.04 2.58 7.23
N ARG A 39 -1.91 3.36 6.60
CA ARG A 39 -3.24 2.88 6.22
C ARG A 39 -3.14 1.83 5.11
N LEU A 40 -2.26 2.09 4.15
CA LEU A 40 -2.07 1.17 3.02
C LEU A 40 -1.59 -0.19 3.51
N GLN A 41 -0.63 -0.18 4.44
CA GLN A 41 -0.09 -1.42 4.99
C GLN A 41 -1.15 -2.18 5.77
N ALA A 42 -1.90 -1.47 6.60
CA ALA A 42 -2.96 -2.09 7.39
C ALA A 42 -3.97 -2.79 6.50
N TYR A 43 -4.30 -2.18 5.37
CA TYR A 43 -5.26 -2.75 4.43
C TYR A 43 -4.69 -4.00 3.77
N LEU A 44 -3.41 -3.96 3.45
CA LEU A 44 -2.74 -5.09 2.81
C LEU A 44 -2.70 -6.30 3.75
N GLU A 45 -2.34 -6.06 5.00
CA GLU A 45 -2.26 -7.12 5.99
C GLU A 45 -3.65 -7.64 6.35
N GLU A 46 -4.59 -6.71 6.51
CA GLU A 46 -5.97 -7.07 6.84
C GLU A 46 -6.62 -7.88 5.74
N HIS A 47 -6.38 -7.45 4.49
CA HIS A 47 -6.95 -8.14 3.33
C HIS A 47 -5.92 -9.07 2.70
N ALA A 48 -5.17 -9.78 3.55
CA ALA A 48 -4.15 -10.71 3.08
C ALA A 48 -4.74 -12.09 2.84
N GLU A 49 -5.11 -12.37 1.59
CA GLU A 49 -5.69 -13.66 1.23
C GLU A 49 -4.64 -14.57 0.60
N SER A 50 -3.96 -15.35 1.42
CA SER A 50 -2.92 -16.26 0.95
C SER A 50 -3.54 -17.38 0.12
N GLY A 51 -2.73 -17.94 -0.79
CA GLY A 51 -3.22 -19.02 -1.63
C GLY A 51 -2.09 -19.87 -2.18
N PRO A 52 -1.62 -20.84 -1.38
CA PRO A 52 -0.53 -21.74 -1.78
C PRO A 52 -0.96 -22.71 -2.88
N SER A 53 -0.33 -22.60 -4.03
CA SER A 53 -0.63 -23.46 -5.16
C SER A 53 0.55 -24.35 -5.51
N SER A 54 0.33 -25.32 -6.39
CA SER A 54 1.38 -26.24 -6.80
C SER A 54 2.09 -25.73 -8.04
N GLY A 55 3.32 -25.26 -7.86
CA GLY A 55 4.10 -24.74 -8.97
C GLY A 55 5.49 -24.31 -8.56
N GLY A 1 -1.57 -13.48 -21.22
CA GLY A 1 -1.39 -12.35 -20.33
C GLY A 1 -0.94 -12.76 -18.94
N SER A 2 0.06 -12.05 -18.41
CA SER A 2 0.58 -12.36 -17.09
C SER A 2 0.93 -11.08 -16.33
N SER A 3 0.44 -10.97 -15.10
CA SER A 3 0.68 -9.79 -14.28
C SER A 3 2.09 -9.84 -13.68
N GLY A 4 3.00 -9.07 -14.27
CA GLY A 4 4.37 -9.03 -13.78
C GLY A 4 4.84 -7.63 -13.47
N SER A 5 4.74 -7.24 -12.20
CA SER A 5 5.16 -5.91 -11.77
C SER A 5 6.17 -6.00 -10.63
N SER A 6 7.39 -5.57 -10.89
CA SER A 6 8.45 -5.60 -9.90
C SER A 6 8.62 -4.23 -9.23
N GLY A 7 8.51 -4.20 -7.91
CA GLY A 7 8.64 -2.96 -7.17
C GLY A 7 7.50 -2.73 -6.21
N VAL A 8 7.59 -3.35 -5.02
CA VAL A 8 6.55 -3.20 -4.01
C VAL A 8 6.96 -2.19 -2.95
N GLU A 9 7.58 -1.10 -3.39
CA GLU A 9 8.03 -0.06 -2.47
C GLU A 9 6.89 0.93 -2.17
N LEU A 10 6.86 1.44 -0.94
CA LEU A 10 5.83 2.37 -0.53
C LEU A 10 6.45 3.73 -0.19
N HIS A 11 7.45 3.72 0.69
CA HIS A 11 8.12 4.95 1.11
C HIS A 11 8.59 5.73 -0.10
N LYS A 12 9.28 5.06 -1.01
CA LYS A 12 9.80 5.69 -2.22
C LYS A 12 8.69 6.46 -2.95
N LEU A 13 7.57 5.79 -3.18
CA LEU A 13 6.43 6.41 -3.86
C LEU A 13 6.15 7.80 -3.30
N LYS A 14 6.02 8.77 -4.19
CA LYS A 14 5.74 10.14 -3.81
C LYS A 14 4.36 10.27 -3.18
N LEU A 15 4.05 11.45 -2.65
CA LEU A 15 2.74 11.70 -2.04
C LEU A 15 1.62 11.47 -3.04
N ALA A 16 1.79 11.96 -4.25
CA ALA A 16 0.79 11.81 -5.30
C ALA A 16 0.50 10.33 -5.56
N GLU A 17 1.56 9.53 -5.61
CA GLU A 17 1.42 8.10 -5.86
C GLU A 17 0.68 7.42 -4.72
N LEU A 18 1.04 7.78 -3.49
CA LEU A 18 0.39 7.20 -2.32
C LEU A 18 -1.10 7.52 -2.29
N LYS A 19 -1.43 8.78 -2.55
CA LYS A 19 -2.82 9.21 -2.56
C LYS A 19 -3.62 8.46 -3.62
N GLN A 20 -2.99 8.21 -4.77
CA GLN A 20 -3.64 7.50 -5.86
C GLN A 20 -4.02 6.09 -5.44
N GLU A 21 -3.10 5.40 -4.77
CA GLU A 21 -3.35 4.04 -4.31
C GLU A 21 -4.51 4.00 -3.33
N CYS A 22 -4.49 4.92 -2.36
CA CYS A 22 -5.54 4.99 -1.36
C CYS A 22 -6.89 5.33 -2.00
N LEU A 23 -6.85 6.21 -2.99
CA LEU A 23 -8.06 6.63 -3.69
C LEU A 23 -8.75 5.45 -4.35
N ALA A 24 -7.96 4.59 -5.00
CA ALA A 24 -8.49 3.42 -5.68
C ALA A 24 -9.04 2.41 -4.67
N ARG A 25 -8.34 2.25 -3.55
CA ARG A 25 -8.75 1.31 -2.52
C ARG A 25 -9.98 1.83 -1.77
N GLY A 26 -10.09 3.16 -1.68
CA GLY A 26 -11.23 3.77 -1.00
C GLY A 26 -10.91 4.12 0.43
N LEU A 27 -9.68 4.57 0.67
CA LEU A 27 -9.25 4.96 2.01
C LEU A 27 -9.24 6.48 2.16
N GLU A 28 -8.90 6.95 3.36
CA GLU A 28 -8.85 8.38 3.62
C GLU A 28 -7.51 8.97 3.20
N THR A 29 -7.55 9.81 2.16
CA THR A 29 -6.34 10.45 1.64
C THR A 29 -6.00 11.70 2.44
N LYS A 30 -6.33 11.69 3.73
CA LYS A 30 -6.05 12.82 4.60
C LYS A 30 -4.95 12.49 5.59
N GLY A 31 -4.10 13.47 5.88
CA GLY A 31 -3.01 13.26 6.81
C GLY A 31 -1.66 13.51 6.19
N ILE A 32 -0.70 12.63 6.47
CA ILE A 32 0.65 12.76 5.93
C ILE A 32 1.09 11.48 5.24
N LYS A 33 2.32 11.48 4.73
CA LYS A 33 2.87 10.31 4.05
C LYS A 33 2.73 9.06 4.92
N GLN A 34 3.08 9.19 6.19
CA GLN A 34 3.00 8.07 7.12
C GLN A 34 1.58 7.53 7.19
N ASP A 35 0.61 8.44 7.17
CA ASP A 35 -0.80 8.06 7.23
C ASP A 35 -1.19 7.23 6.02
N LEU A 36 -0.75 7.65 4.84
CA LEU A 36 -1.05 6.94 3.60
C LEU A 36 -0.43 5.56 3.60
N ILE A 37 0.84 5.49 4.01
CA ILE A 37 1.56 4.22 4.06
C ILE A 37 0.97 3.29 5.10
N HIS A 38 0.76 3.81 6.31
CA HIS A 38 0.19 3.03 7.40
C HIS A 38 -1.13 2.40 6.98
N ARG A 39 -1.94 3.16 6.26
CA ARG A 39 -3.24 2.68 5.80
C ARG A 39 -3.07 1.60 4.73
N LEU A 40 -2.11 1.80 3.84
CA LEU A 40 -1.84 0.85 2.77
C LEU A 40 -1.37 -0.49 3.33
N GLN A 41 -0.50 -0.42 4.33
CA GLN A 41 0.03 -1.62 4.96
C GLN A 41 -1.05 -2.35 5.76
N ALA A 42 -1.80 -1.60 6.56
CA ALA A 42 -2.87 -2.17 7.36
C ALA A 42 -3.90 -2.87 6.48
N TYR A 43 -4.27 -2.23 5.39
CA TYR A 43 -5.26 -2.79 4.48
C TYR A 43 -4.72 -4.03 3.78
N LEU A 44 -3.46 -3.96 3.35
CA LEU A 44 -2.82 -5.08 2.68
C LEU A 44 -2.82 -6.32 3.56
N GLU A 45 -2.40 -6.15 4.81
CA GLU A 45 -2.36 -7.25 5.77
C GLU A 45 -3.76 -7.75 6.09
N GLU A 46 -4.70 -6.82 6.18
CA GLU A 46 -6.09 -7.16 6.49
C GLU A 46 -6.62 -8.20 5.51
N HIS A 47 -6.50 -7.91 4.22
CA HIS A 47 -6.96 -8.83 3.18
C HIS A 47 -6.07 -10.06 3.09
N ALA A 48 -4.76 -9.83 2.97
CA ALA A 48 -3.80 -10.92 2.87
C ALA A 48 -3.75 -11.72 4.18
N GLU A 49 -3.00 -12.81 4.16
CA GLU A 49 -2.87 -13.66 5.34
C GLU A 49 -1.48 -13.52 5.97
N SER A 50 -1.43 -13.56 7.29
CA SER A 50 -0.18 -13.43 8.02
C SER A 50 -0.17 -14.32 9.25
N GLY A 51 0.97 -14.96 9.51
CA GLY A 51 1.09 -15.83 10.67
C GLY A 51 1.24 -17.28 10.28
N PRO A 52 0.11 -18.01 10.26
CA PRO A 52 0.09 -19.43 9.91
C PRO A 52 0.38 -19.67 8.44
N SER A 53 1.56 -20.20 8.15
CA SER A 53 1.97 -20.47 6.77
C SER A 53 1.24 -21.69 6.22
N SER A 54 0.81 -21.60 4.96
CA SER A 54 0.10 -22.70 4.32
C SER A 54 -0.02 -22.47 2.82
N GLY A 55 0.35 -23.47 2.04
CA GLY A 55 0.29 -23.36 0.59
C GLY A 55 1.40 -24.12 -0.10
N GLY A 1 16.28 0.00 -13.07
CA GLY A 1 17.11 -1.18 -13.28
C GLY A 1 16.71 -2.33 -12.36
N SER A 2 16.73 -2.08 -11.07
CA SER A 2 16.38 -3.10 -10.09
C SER A 2 15.25 -2.63 -9.18
N SER A 3 15.30 -1.35 -8.79
CA SER A 3 14.29 -0.77 -7.91
C SER A 3 13.07 -0.34 -8.72
N GLY A 4 11.97 -1.09 -8.58
CA GLY A 4 10.77 -0.76 -9.30
C GLY A 4 10.02 -2.00 -9.76
N SER A 5 10.61 -2.73 -10.71
CA SER A 5 10.00 -3.93 -11.24
C SER A 5 9.79 -4.97 -10.13
N SER A 6 10.89 -5.37 -9.49
CA SER A 6 10.83 -6.36 -8.42
C SER A 6 10.55 -5.69 -7.07
N GLY A 7 9.74 -6.35 -6.26
CA GLY A 7 9.41 -5.81 -4.95
C GLY A 7 8.75 -4.45 -5.04
N VAL A 8 7.52 -4.35 -4.55
CA VAL A 8 6.77 -3.11 -4.58
C VAL A 8 6.96 -2.32 -3.28
N GLU A 9 7.47 -1.11 -3.40
CA GLU A 9 7.70 -0.26 -2.23
C GLU A 9 6.66 0.86 -2.15
N LEU A 10 6.38 1.32 -0.94
CA LEU A 10 5.41 2.39 -0.74
C LEU A 10 6.10 3.72 -0.45
N HIS A 11 7.12 3.67 0.40
CA HIS A 11 7.87 4.87 0.75
C HIS A 11 8.38 5.58 -0.50
N LYS A 12 9.16 4.87 -1.31
CA LYS A 12 9.70 5.44 -2.54
C LYS A 12 8.69 6.35 -3.22
N LEU A 13 7.51 5.81 -3.49
CA LEU A 13 6.45 6.58 -4.14
C LEU A 13 6.19 7.89 -3.40
N LYS A 14 6.05 8.97 -4.15
CA LYS A 14 5.80 10.28 -3.57
C LYS A 14 4.40 10.34 -2.95
N LEU A 15 4.10 11.45 -2.29
CA LEU A 15 2.81 11.64 -1.65
C LEU A 15 1.68 11.49 -2.67
N ALA A 16 1.85 12.11 -3.83
CA ALA A 16 0.85 12.04 -4.90
C ALA A 16 0.55 10.59 -5.27
N GLU A 17 1.59 9.79 -5.38
CA GLU A 17 1.44 8.38 -5.75
C GLU A 17 0.69 7.62 -4.66
N LEU A 18 1.04 7.88 -3.40
CA LEU A 18 0.40 7.21 -2.28
C LEU A 18 -1.09 7.55 -2.23
N LYS A 19 -1.42 8.83 -2.40
CA LYS A 19 -2.81 9.27 -2.39
C LYS A 19 -3.62 8.56 -3.46
N GLN A 20 -3.05 8.44 -4.65
CA GLN A 20 -3.74 7.77 -5.76
C GLN A 20 -4.05 6.32 -5.40
N GLU A 21 -3.09 5.64 -4.77
CA GLU A 21 -3.26 4.26 -4.37
C GLU A 21 -4.44 4.10 -3.41
N CYS A 22 -4.51 4.99 -2.44
CA CYS A 22 -5.59 4.96 -1.45
C CYS A 22 -6.95 5.19 -2.12
N LEU A 23 -6.97 6.08 -3.10
CA LEU A 23 -8.20 6.40 -3.83
C LEU A 23 -8.74 5.17 -4.55
N ALA A 24 -7.85 4.45 -5.23
CA ALA A 24 -8.23 3.25 -5.96
C ALA A 24 -8.67 2.14 -5.01
N ARG A 25 -7.95 2.01 -3.90
CA ARG A 25 -8.26 0.98 -2.91
C ARG A 25 -9.54 1.33 -2.15
N GLY A 26 -9.77 2.62 -1.93
CA GLY A 26 -10.95 3.05 -1.22
C GLY A 26 -10.68 3.36 0.23
N LEU A 27 -9.54 3.99 0.49
CA LEU A 27 -9.16 4.34 1.86
C LEU A 27 -9.21 5.85 2.06
N GLU A 28 -8.94 6.29 3.28
CA GLU A 28 -8.96 7.72 3.61
C GLU A 28 -7.62 8.37 3.27
N THR A 29 -7.63 9.24 2.27
CA THR A 29 -6.43 9.93 1.84
C THR A 29 -6.15 11.15 2.71
N LYS A 30 -6.40 11.01 4.02
CA LYS A 30 -6.18 12.10 4.96
C LYS A 30 -4.95 11.83 5.83
N GLY A 31 -4.10 12.84 5.96
CA GLY A 31 -2.90 12.69 6.76
C GLY A 31 -1.64 12.98 5.98
N ILE A 32 -0.49 12.57 6.51
CA ILE A 32 0.79 12.78 5.84
C ILE A 32 1.31 11.51 5.19
N LYS A 33 2.44 11.61 4.51
CA LYS A 33 3.03 10.47 3.83
C LYS A 33 2.94 9.22 4.70
N GLN A 34 3.44 9.32 5.93
CA GLN A 34 3.41 8.19 6.85
C GLN A 34 1.99 7.69 7.07
N ASP A 35 1.06 8.63 7.21
CA ASP A 35 -0.35 8.29 7.42
C ASP A 35 -0.88 7.47 6.25
N LEU A 36 -0.54 7.88 5.03
CA LEU A 36 -0.99 7.18 3.84
C LEU A 36 -0.39 5.78 3.77
N ILE A 37 0.91 5.69 3.98
CA ILE A 37 1.61 4.41 3.95
C ILE A 37 1.09 3.47 5.03
N HIS A 38 0.90 4.01 6.24
CA HIS A 38 0.40 3.21 7.35
C HIS A 38 -0.95 2.57 7.01
N ARG A 39 -1.83 3.36 6.41
CA ARG A 39 -3.16 2.87 6.03
C ARG A 39 -3.05 1.80 4.95
N LEU A 40 -2.20 2.06 3.96
CA LEU A 40 -2.00 1.12 2.86
C LEU A 40 -1.55 -0.25 3.39
N GLN A 41 -0.59 -0.23 4.31
CA GLN A 41 -0.08 -1.47 4.89
C GLN A 41 -1.15 -2.17 5.71
N ALA A 42 -1.83 -1.41 6.57
CA ALA A 42 -2.89 -1.97 7.41
C ALA A 42 -3.96 -2.65 6.57
N TYR A 43 -4.35 -2.00 5.47
CA TYR A 43 -5.37 -2.55 4.60
C TYR A 43 -4.89 -3.83 3.92
N LEU A 44 -3.61 -3.84 3.53
CA LEU A 44 -3.02 -5.00 2.88
C LEU A 44 -3.08 -6.22 3.78
N GLU A 45 -2.66 -6.05 5.03
CA GLU A 45 -2.67 -7.14 6.00
C GLU A 45 -4.09 -7.58 6.31
N GLU A 46 -5.01 -6.62 6.35
CA GLU A 46 -6.41 -6.90 6.65
C GLU A 46 -7.05 -7.70 5.52
N HIS A 47 -6.92 -7.20 4.29
CA HIS A 47 -7.49 -7.86 3.13
C HIS A 47 -6.53 -8.91 2.58
N ALA A 48 -5.86 -9.63 3.49
CA ALA A 48 -4.92 -10.66 3.10
C ALA A 48 -5.63 -11.85 2.46
N GLU A 49 -5.00 -12.44 1.44
CA GLU A 49 -5.58 -13.58 0.75
C GLU A 49 -4.84 -14.86 1.09
N SER A 50 -5.52 -15.79 1.73
CA SER A 50 -4.94 -17.07 2.13
C SER A 50 -6.00 -18.15 2.27
N GLY A 51 -5.56 -19.40 2.27
CA GLY A 51 -6.50 -20.51 2.40
C GLY A 51 -6.39 -21.20 3.75
N PRO A 52 -5.60 -22.27 3.81
CA PRO A 52 -5.40 -23.04 5.05
C PRO A 52 -4.60 -22.26 6.09
N SER A 53 -4.06 -21.12 5.68
CA SER A 53 -3.27 -20.29 6.58
C SER A 53 -2.03 -21.04 7.07
N SER A 54 -1.43 -21.80 6.17
CA SER A 54 -0.24 -22.57 6.50
C SER A 54 0.94 -21.65 6.77
N GLY A 55 1.13 -20.66 5.91
CA GLY A 55 2.23 -19.73 6.07
C GLY A 55 2.63 -19.08 4.76
N GLY A 1 10.12 -21.27 0.45
CA GLY A 1 9.47 -20.04 0.08
C GLY A 1 9.32 -19.08 1.25
N SER A 2 8.27 -18.27 1.22
CA SER A 2 8.02 -17.30 2.28
C SER A 2 9.33 -16.74 2.83
N SER A 3 10.26 -16.44 1.93
CA SER A 3 11.56 -15.91 2.32
C SER A 3 11.67 -14.44 1.95
N GLY A 4 12.11 -13.62 2.92
CA GLY A 4 12.25 -12.20 2.66
C GLY A 4 11.22 -11.37 3.41
N SER A 5 11.66 -10.24 3.96
CA SER A 5 10.77 -9.37 4.72
C SER A 5 10.31 -8.20 3.85
N SER A 6 11.27 -7.46 3.30
CA SER A 6 10.96 -6.31 2.46
C SER A 6 9.83 -6.64 1.48
N GLY A 7 8.67 -6.02 1.70
CA GLY A 7 7.53 -6.27 0.83
C GLY A 7 7.45 -5.26 -0.30
N VAL A 8 6.23 -4.82 -0.59
CA VAL A 8 6.01 -3.84 -1.67
C VAL A 8 6.60 -2.49 -1.30
N GLU A 9 7.41 -1.94 -2.21
CA GLU A 9 8.04 -0.65 -1.98
C GLU A 9 7.00 0.47 -1.98
N LEU A 10 6.83 1.11 -0.82
CA LEU A 10 5.88 2.19 -0.68
C LEU A 10 6.58 3.51 -0.40
N HIS A 11 7.45 3.52 0.61
CA HIS A 11 8.19 4.72 0.98
C HIS A 11 8.67 5.47 -0.26
N LYS A 12 8.96 4.72 -1.32
CA LYS A 12 9.42 5.31 -2.57
C LYS A 12 8.32 6.14 -3.22
N LEU A 13 7.13 5.54 -3.34
CA LEU A 13 5.99 6.22 -3.94
C LEU A 13 5.82 7.62 -3.36
N LYS A 14 5.83 8.63 -4.23
CA LYS A 14 5.68 10.01 -3.81
C LYS A 14 4.34 10.21 -3.10
N LEU A 15 4.16 11.40 -2.52
CA LEU A 15 2.91 11.72 -1.82
C LEU A 15 1.72 11.56 -2.74
N ALA A 16 1.84 12.07 -3.96
CA ALA A 16 0.77 11.98 -4.94
C ALA A 16 0.41 10.53 -5.24
N GLU A 17 1.42 9.68 -5.28
CA GLU A 17 1.22 8.26 -5.55
C GLU A 17 0.44 7.59 -4.42
N LEU A 18 0.81 7.91 -3.19
CA LEU A 18 0.15 7.35 -2.02
C LEU A 18 -1.34 7.67 -2.03
N LYS A 19 -1.67 8.93 -2.25
CA LYS A 19 -3.06 9.37 -2.28
C LYS A 19 -3.83 8.65 -3.40
N GLN A 20 -3.22 8.58 -4.58
CA GLN A 20 -3.84 7.91 -5.72
C GLN A 20 -4.09 6.44 -5.42
N GLU A 21 -3.11 5.79 -4.82
CA GLU A 21 -3.22 4.37 -4.48
C GLU A 21 -4.37 4.14 -3.50
N CYS A 22 -4.47 5.00 -2.50
CA CYS A 22 -5.51 4.89 -1.49
C CYS A 22 -6.89 5.06 -2.11
N LEU A 23 -7.00 6.01 -3.05
CA LEU A 23 -8.27 6.27 -3.72
C LEU A 23 -8.74 5.04 -4.49
N ALA A 24 -7.84 4.42 -5.24
CA ALA A 24 -8.17 3.24 -6.01
C ALA A 24 -8.64 2.11 -5.11
N ARG A 25 -7.99 1.97 -3.95
CA ARG A 25 -8.34 0.92 -3.00
C ARG A 25 -9.61 1.29 -2.23
N GLY A 26 -9.82 2.59 -2.01
CA GLY A 26 -10.98 3.05 -1.29
C GLY A 26 -10.69 3.37 0.16
N LEU A 27 -9.54 3.98 0.40
CA LEU A 27 -9.13 4.34 1.76
C LEU A 27 -9.16 5.85 1.95
N GLU A 28 -8.84 6.30 3.16
CA GLU A 28 -8.83 7.72 3.48
C GLU A 28 -7.54 8.38 3.00
N THR A 29 -7.67 9.36 2.12
CA THR A 29 -6.51 10.07 1.58
C THR A 29 -5.87 10.96 2.65
N LYS A 30 -6.67 11.38 3.62
CA LYS A 30 -6.18 12.23 4.70
C LYS A 30 -5.00 11.59 5.41
N GLY A 31 -4.11 12.42 5.94
CA GLY A 31 -2.94 11.91 6.63
C GLY A 31 -1.66 12.16 5.86
N ILE A 32 -0.58 12.45 6.58
CA ILE A 32 0.71 12.72 5.96
C ILE A 32 1.28 11.46 5.32
N LYS A 33 2.40 11.59 4.63
CA LYS A 33 3.05 10.47 3.97
C LYS A 33 2.96 9.21 4.84
N GLN A 34 3.51 9.30 6.05
CA GLN A 34 3.49 8.17 6.98
C GLN A 34 2.06 7.67 7.19
N ASP A 35 1.13 8.60 7.36
CA ASP A 35 -0.26 8.26 7.58
C ASP A 35 -0.82 7.46 6.41
N LEU A 36 -0.50 7.90 5.19
CA LEU A 36 -0.97 7.22 3.98
C LEU A 36 -0.36 5.82 3.88
N ILE A 37 0.94 5.72 4.12
CA ILE A 37 1.63 4.45 4.05
C ILE A 37 1.13 3.49 5.12
N HIS A 38 0.96 4.00 6.34
CA HIS A 38 0.48 3.19 7.44
C HIS A 38 -0.88 2.57 7.11
N ARG A 39 -1.75 3.36 6.50
CA ARG A 39 -3.09 2.88 6.14
C ARG A 39 -3.00 1.87 5.01
N LEU A 40 -2.13 2.14 4.03
CA LEU A 40 -1.96 1.25 2.90
C LEU A 40 -1.49 -0.13 3.34
N GLN A 41 -0.57 -0.15 4.30
CA GLN A 41 -0.04 -1.41 4.82
C GLN A 41 -1.07 -2.12 5.70
N ALA A 42 -1.69 -1.36 6.59
CA ALA A 42 -2.69 -1.91 7.50
C ALA A 42 -3.87 -2.50 6.71
N TYR A 43 -4.32 -1.78 5.69
CA TYR A 43 -5.43 -2.22 4.86
C TYR A 43 -5.03 -3.45 4.03
N LEU A 44 -3.82 -3.42 3.48
CA LEU A 44 -3.33 -4.52 2.67
C LEU A 44 -3.23 -5.80 3.49
N GLU A 45 -2.62 -5.71 4.67
CA GLU A 45 -2.47 -6.86 5.55
C GLU A 45 -3.83 -7.42 5.96
N GLU A 46 -4.78 -6.52 6.22
CA GLU A 46 -6.12 -6.92 6.63
C GLU A 46 -6.85 -7.61 5.48
N HIS A 47 -6.73 -7.04 4.27
CA HIS A 47 -7.37 -7.61 3.09
C HIS A 47 -6.44 -8.58 2.38
N ALA A 48 -5.73 -9.38 3.16
CA ALA A 48 -4.80 -10.37 2.60
C ALA A 48 -5.18 -11.78 3.02
N GLU A 49 -4.63 -12.76 2.32
CA GLU A 49 -4.90 -14.17 2.62
C GLU A 49 -4.20 -14.59 3.91
N SER A 50 -2.88 -14.50 3.91
CA SER A 50 -2.09 -14.87 5.07
C SER A 50 -2.01 -13.72 6.08
N GLY A 51 -2.37 -14.02 7.32
CA GLY A 51 -2.32 -12.99 8.36
C GLY A 51 -0.92 -12.50 8.63
N PRO A 52 -0.80 -11.23 9.05
CA PRO A 52 0.49 -10.61 9.34
C PRO A 52 1.12 -11.18 10.61
N SER A 53 2.27 -10.61 10.99
CA SER A 53 2.99 -11.07 12.18
C SER A 53 2.90 -10.03 13.29
N SER A 54 2.84 -10.50 14.54
CA SER A 54 2.76 -9.61 15.69
C SER A 54 3.76 -10.02 16.77
N GLY A 55 4.00 -9.13 17.71
CA GLY A 55 4.93 -9.42 18.78
C GLY A 55 4.90 -8.37 19.88
N GLY A 1 7.82 0.62 -24.24
CA GLY A 1 8.54 -0.55 -23.78
C GLY A 1 7.92 -1.18 -22.56
N SER A 2 8.76 -1.70 -21.66
CA SER A 2 8.28 -2.35 -20.45
C SER A 2 8.95 -1.76 -19.22
N SER A 3 8.16 -1.13 -18.36
CA SER A 3 8.67 -0.52 -17.15
C SER A 3 9.09 -1.57 -16.13
N GLY A 4 10.39 -1.73 -15.95
CA GLY A 4 10.90 -2.72 -15.01
C GLY A 4 11.66 -2.09 -13.86
N SER A 5 10.93 -1.62 -12.85
CA SER A 5 11.55 -0.98 -11.69
C SER A 5 11.97 -2.03 -10.67
N SER A 6 12.94 -1.67 -9.83
CA SER A 6 13.45 -2.58 -8.81
C SER A 6 13.39 -1.92 -7.43
N GLY A 7 12.67 -2.56 -6.51
CA GLY A 7 12.55 -2.02 -5.17
C GLY A 7 11.60 -0.84 -5.10
N VAL A 8 10.38 -1.02 -5.63
CA VAL A 8 9.38 0.04 -5.62
C VAL A 8 8.58 0.03 -4.33
N GLU A 9 9.29 -0.04 -3.21
CA GLU A 9 8.63 -0.06 -1.90
C GLU A 9 7.64 1.10 -1.77
N LEU A 10 6.66 0.93 -0.89
CA LEU A 10 5.64 1.94 -0.67
C LEU A 10 6.28 3.30 -0.39
N HIS A 11 7.18 3.34 0.59
CA HIS A 11 7.87 4.57 0.96
C HIS A 11 8.30 5.33 -0.30
N LYS A 12 9.07 4.67 -1.15
CA LYS A 12 9.56 5.29 -2.38
C LYS A 12 8.46 6.12 -3.04
N LEU A 13 7.31 5.51 -3.27
CA LEU A 13 6.18 6.20 -3.89
C LEU A 13 5.99 7.58 -3.28
N LYS A 14 5.89 8.60 -4.15
CA LYS A 14 5.71 9.97 -3.70
C LYS A 14 4.32 10.16 -3.08
N LEU A 15 4.09 11.35 -2.53
CA LEU A 15 2.80 11.66 -1.91
C LEU A 15 1.65 11.45 -2.89
N ALA A 16 1.85 11.89 -4.13
CA ALA A 16 0.83 11.74 -5.16
C ALA A 16 0.56 10.28 -5.47
N GLU A 17 1.62 9.48 -5.52
CA GLU A 17 1.50 8.06 -5.80
C GLU A 17 0.74 7.34 -4.69
N LEU A 18 1.06 7.68 -3.44
CA LEU A 18 0.41 7.07 -2.29
C LEU A 18 -1.08 7.41 -2.27
N LYS A 19 -1.39 8.70 -2.44
CA LYS A 19 -2.76 9.15 -2.44
C LYS A 19 -3.58 8.45 -3.53
N GLN A 20 -2.97 8.29 -4.70
CA GLN A 20 -3.63 7.63 -5.82
C GLN A 20 -4.00 6.19 -5.47
N GLU A 21 -3.06 5.47 -4.86
CA GLU A 21 -3.28 4.09 -4.48
C GLU A 21 -4.41 3.99 -3.46
N CYS A 22 -4.37 4.84 -2.45
CA CYS A 22 -5.40 4.85 -1.41
C CYS A 22 -6.75 5.26 -1.98
N LEU A 23 -6.73 6.21 -2.91
CA LEU A 23 -7.96 6.68 -3.54
C LEU A 23 -8.67 5.55 -4.28
N ALA A 24 -7.91 4.77 -5.03
CA ALA A 24 -8.47 3.65 -5.79
C ALA A 24 -9.01 2.57 -4.84
N ARG A 25 -8.29 2.33 -3.74
CA ARG A 25 -8.69 1.33 -2.78
C ARG A 25 -9.93 1.78 -2.00
N GLY A 26 -10.07 3.10 -1.84
CA GLY A 26 -11.21 3.64 -1.12
C GLY A 26 -10.88 3.97 0.32
N LEU A 27 -9.65 4.41 0.57
CA LEU A 27 -9.22 4.76 1.91
C LEU A 27 -9.22 6.28 2.11
N GLU A 28 -8.86 6.71 3.31
CA GLU A 28 -8.82 8.13 3.63
C GLU A 28 -7.48 8.75 3.21
N THR A 29 -7.54 9.73 2.31
CA THR A 29 -6.34 10.39 1.83
C THR A 29 -6.09 11.69 2.59
N LYS A 30 -6.36 11.68 3.89
CA LYS A 30 -6.17 12.86 4.73
C LYS A 30 -5.07 12.61 5.77
N GLY A 31 -4.22 13.62 5.97
CA GLY A 31 -3.15 13.48 6.95
C GLY A 31 -1.78 13.73 6.34
N ILE A 32 -0.87 12.80 6.53
CA ILE A 32 0.49 12.92 6.00
C ILE A 32 0.92 11.65 5.29
N LYS A 33 2.14 11.66 4.75
CA LYS A 33 2.67 10.50 4.05
C LYS A 33 2.57 9.25 4.91
N GLN A 34 3.03 9.36 6.15
CA GLN A 34 2.99 8.23 7.08
C GLN A 34 1.58 7.66 7.20
N ASP A 35 0.59 8.55 7.22
CA ASP A 35 -0.80 8.13 7.33
C ASP A 35 -1.22 7.30 6.11
N LEU A 36 -0.82 7.77 4.93
CA LEU A 36 -1.16 7.07 3.69
C LEU A 36 -0.50 5.71 3.64
N ILE A 37 0.80 5.67 3.92
CA ILE A 37 1.55 4.41 3.91
C ILE A 37 1.03 3.46 4.98
N HIS A 38 0.84 3.98 6.19
CA HIS A 38 0.35 3.17 7.31
C HIS A 38 -0.98 2.51 6.95
N ARG A 39 -1.88 3.29 6.36
CA ARG A 39 -3.19 2.78 5.97
C ARG A 39 -3.06 1.72 4.89
N LEU A 40 -2.10 1.90 4.00
CA LEU A 40 -1.87 0.96 2.91
C LEU A 40 -1.40 -0.39 3.45
N GLN A 41 -0.47 -0.34 4.40
CA GLN A 41 0.06 -1.56 5.00
C GLN A 41 -1.03 -2.31 5.78
N ALA A 42 -1.77 -1.58 6.59
CA ALA A 42 -2.83 -2.18 7.39
C ALA A 42 -3.87 -2.85 6.50
N TYR A 43 -4.22 -2.21 5.40
CA TYR A 43 -5.20 -2.75 4.46
C TYR A 43 -4.63 -3.97 3.73
N LEU A 44 -3.34 -3.90 3.41
CA LEU A 44 -2.68 -5.00 2.70
C LEU A 44 -2.62 -6.25 3.57
N GLU A 45 -2.19 -6.08 4.82
CA GLU A 45 -2.10 -7.20 5.75
C GLU A 45 -3.48 -7.77 6.06
N GLU A 46 -4.46 -6.89 6.19
CA GLU A 46 -5.83 -7.30 6.48
C GLU A 46 -6.41 -8.12 5.33
N HIS A 47 -6.40 -7.54 4.15
CA HIS A 47 -6.92 -8.21 2.96
C HIS A 47 -6.09 -9.43 2.62
N ALA A 48 -4.77 -9.25 2.55
CA ALA A 48 -3.86 -10.34 2.23
C ALA A 48 -2.76 -10.47 3.28
N GLU A 49 -2.65 -11.65 3.87
CA GLU A 49 -1.65 -11.91 4.90
C GLU A 49 -0.50 -12.75 4.34
N SER A 50 0.65 -12.68 5.00
CA SER A 50 1.82 -13.42 4.57
C SER A 50 2.28 -14.39 5.67
N GLY A 51 2.63 -13.83 6.82
CA GLY A 51 3.08 -14.66 7.94
C GLY A 51 4.59 -14.77 7.99
N PRO A 52 5.25 -13.75 8.56
CA PRO A 52 6.70 -13.72 8.68
C PRO A 52 7.22 -14.74 9.70
N SER A 53 6.31 -15.53 10.25
CA SER A 53 6.67 -16.54 11.24
C SER A 53 7.59 -17.58 10.62
N SER A 54 7.25 -18.04 9.43
CA SER A 54 8.04 -19.06 8.73
C SER A 54 8.42 -18.57 7.33
N GLY A 55 9.57 -17.90 7.25
CA GLY A 55 10.03 -17.39 5.97
C GLY A 55 11.17 -16.41 6.11
N GLY A 1 7.13 -15.70 -19.15
CA GLY A 1 7.79 -15.63 -17.86
C GLY A 1 8.17 -14.22 -17.47
N SER A 2 8.76 -14.06 -16.29
CA SER A 2 9.17 -12.75 -15.82
C SER A 2 10.63 -12.76 -15.35
N SER A 3 11.35 -11.70 -15.67
CA SER A 3 12.76 -11.59 -15.28
C SER A 3 12.93 -10.64 -14.11
N GLY A 4 13.89 -10.95 -13.23
CA GLY A 4 14.14 -10.11 -12.08
C GLY A 4 14.08 -8.65 -12.41
N SER A 5 13.08 -7.96 -11.87
CA SER A 5 12.91 -6.53 -12.10
C SER A 5 13.02 -5.74 -10.81
N SER A 6 13.16 -4.42 -10.93
CA SER A 6 13.29 -3.56 -9.76
C SER A 6 11.96 -3.46 -9.02
N GLY A 7 11.99 -3.76 -7.72
CA GLY A 7 10.79 -3.70 -6.92
C GLY A 7 10.35 -2.28 -6.61
N VAL A 8 9.20 -2.14 -5.98
CA VAL A 8 8.67 -0.82 -5.63
C VAL A 8 8.15 -0.81 -4.20
N GLU A 9 8.76 0.01 -3.36
CA GLU A 9 8.36 0.12 -1.97
C GLU A 9 7.24 1.16 -1.80
N LEU A 10 6.70 1.25 -0.59
CA LEU A 10 5.63 2.18 -0.31
C LEU A 10 6.19 3.56 0.03
N HIS A 11 7.35 3.58 0.69
CA HIS A 11 7.99 4.83 1.06
C HIS A 11 8.91 5.33 -0.05
N LYS A 12 8.43 5.26 -1.28
CA LYS A 12 9.21 5.70 -2.43
C LYS A 12 8.41 6.67 -3.29
N LEU A 13 7.15 6.32 -3.54
CA LEU A 13 6.27 7.16 -4.35
C LEU A 13 6.03 8.51 -3.68
N LYS A 14 5.79 9.54 -4.49
CA LYS A 14 5.54 10.88 -3.96
C LYS A 14 4.19 10.95 -3.25
N LEU A 15 3.90 12.10 -2.66
CA LEU A 15 2.64 12.29 -1.94
C LEU A 15 1.45 12.08 -2.88
N ALA A 16 1.53 12.66 -4.07
CA ALA A 16 0.47 12.53 -5.06
C ALA A 16 0.24 11.08 -5.45
N GLU A 17 1.34 10.35 -5.63
CA GLU A 17 1.26 8.95 -6.01
C GLU A 17 0.61 8.12 -4.90
N LEU A 18 1.00 8.38 -3.66
CA LEU A 18 0.46 7.66 -2.52
C LEU A 18 -1.05 7.86 -2.42
N LYS A 19 -1.48 9.11 -2.52
CA LYS A 19 -2.89 9.44 -2.45
C LYS A 19 -3.69 8.69 -3.52
N GLN A 20 -3.13 8.64 -4.72
CA GLN A 20 -3.78 7.96 -5.84
C GLN A 20 -4.00 6.48 -5.53
N GLU A 21 -3.01 5.86 -4.91
CA GLU A 21 -3.09 4.45 -4.55
C GLU A 21 -4.24 4.20 -3.58
N CYS A 22 -4.32 5.04 -2.55
CA CYS A 22 -5.38 4.92 -1.55
C CYS A 22 -6.75 5.11 -2.18
N LEU A 23 -6.84 6.03 -3.13
CA LEU A 23 -8.10 6.32 -3.82
C LEU A 23 -8.61 5.08 -4.54
N ALA A 24 -7.72 4.39 -5.25
CA ALA A 24 -8.08 3.19 -5.98
C ALA A 24 -8.43 2.05 -5.03
N ARG A 25 -7.70 1.97 -3.92
CA ARG A 25 -7.93 0.92 -2.93
C ARG A 25 -9.21 1.19 -2.13
N GLY A 26 -9.52 2.48 -1.95
CA GLY A 26 -10.71 2.85 -1.21
C GLY A 26 -10.40 3.22 0.23
N LEU A 27 -9.26 3.88 0.44
CA LEU A 27 -8.85 4.29 1.78
C LEU A 27 -8.91 5.80 1.92
N GLU A 28 -8.63 6.29 3.12
CA GLU A 28 -8.66 7.73 3.39
C GLU A 28 -7.39 8.40 2.89
N THR A 29 -7.54 9.48 2.13
CA THR A 29 -6.40 10.21 1.59
C THR A 29 -5.76 11.08 2.65
N LYS A 30 -6.53 11.45 3.67
CA LYS A 30 -6.04 12.29 4.76
C LYS A 30 -4.84 11.62 5.45
N GLY A 31 -3.91 12.45 5.89
CA GLY A 31 -2.72 11.93 6.57
C GLY A 31 -1.45 12.15 5.77
N ILE A 32 -0.33 12.23 6.47
CA ILE A 32 0.96 12.45 5.82
C ILE A 32 1.48 11.15 5.20
N LYS A 33 2.62 11.25 4.53
CA LYS A 33 3.23 10.09 3.89
C LYS A 33 3.09 8.85 4.76
N GLN A 34 3.60 8.93 5.99
CA GLN A 34 3.54 7.81 6.92
C GLN A 34 2.10 7.35 7.11
N ASP A 35 1.19 8.30 7.24
CA ASP A 35 -0.23 8.00 7.42
C ASP A 35 -0.77 7.22 6.24
N LEU A 36 -0.41 7.65 5.04
CA LEU A 36 -0.87 7.00 3.82
C LEU A 36 -0.34 5.56 3.75
N ILE A 37 0.94 5.39 4.04
CA ILE A 37 1.56 4.07 4.00
C ILE A 37 0.99 3.17 5.08
N HIS A 38 0.87 3.70 6.29
CA HIS A 38 0.32 2.94 7.42
C HIS A 38 -1.05 2.39 7.08
N ARG A 39 -1.86 3.19 6.40
CA ARG A 39 -3.21 2.79 6.01
C ARG A 39 -3.16 1.69 4.95
N LEU A 40 -2.23 1.84 4.00
CA LEU A 40 -2.09 0.87 2.92
C LEU A 40 -1.66 -0.49 3.46
N GLN A 41 -0.71 -0.48 4.39
CA GLN A 41 -0.22 -1.72 4.99
C GLN A 41 -1.28 -2.35 5.88
N ALA A 42 -1.89 -1.54 6.74
CA ALA A 42 -2.93 -2.01 7.64
C ALA A 42 -4.08 -2.64 6.87
N TYR A 43 -4.46 -2.01 5.76
CA TYR A 43 -5.55 -2.51 4.94
C TYR A 43 -5.16 -3.81 4.23
N LEU A 44 -3.93 -3.85 3.75
CA LEU A 44 -3.44 -5.04 3.06
C LEU A 44 -3.44 -6.26 3.97
N GLU A 45 -2.96 -6.07 5.20
CA GLU A 45 -2.91 -7.15 6.17
C GLU A 45 -4.32 -7.58 6.57
N GLU A 46 -5.23 -6.61 6.67
CA GLU A 46 -6.60 -6.89 7.06
C GLU A 46 -7.30 -7.73 5.98
N HIS A 47 -7.05 -7.41 4.72
CA HIS A 47 -7.65 -8.14 3.62
C HIS A 47 -6.64 -9.08 2.98
N ALA A 48 -5.86 -9.76 3.81
CA ALA A 48 -4.86 -10.70 3.33
C ALA A 48 -5.46 -11.68 2.33
N GLU A 49 -4.63 -12.16 1.41
CA GLU A 49 -5.08 -13.11 0.39
C GLU A 49 -5.15 -14.52 0.96
N SER A 50 -5.73 -15.43 0.19
CA SER A 50 -5.86 -16.83 0.62
C SER A 50 -4.74 -17.69 0.05
N GLY A 51 -3.66 -17.82 0.81
CA GLY A 51 -2.53 -18.62 0.37
C GLY A 51 -1.57 -17.83 -0.50
N PRO A 52 -0.41 -18.43 -0.82
CA PRO A 52 0.62 -17.79 -1.64
C PRO A 52 0.19 -17.63 -3.09
N SER A 53 0.76 -16.66 -3.78
CA SER A 53 0.43 -16.41 -5.18
C SER A 53 1.56 -15.62 -5.87
N SER A 54 2.20 -16.27 -6.84
CA SER A 54 3.29 -15.63 -7.58
C SER A 54 2.86 -15.29 -9.00
N GLY A 55 2.54 -14.02 -9.22
CA GLY A 55 2.12 -13.58 -10.54
C GLY A 55 0.62 -13.70 -10.73
N GLY A 1 3.82 -13.39 -21.51
CA GLY A 1 4.09 -13.56 -20.09
C GLY A 1 4.72 -12.33 -19.48
N SER A 2 3.90 -11.36 -19.11
CA SER A 2 4.40 -10.13 -18.50
C SER A 2 4.79 -10.36 -17.05
N SER A 3 6.07 -10.66 -16.83
CA SER A 3 6.58 -10.90 -15.49
C SER A 3 7.84 -10.07 -15.22
N GLY A 4 7.72 -9.14 -14.29
CA GLY A 4 8.86 -8.28 -13.95
C GLY A 4 8.43 -6.98 -13.29
N SER A 5 9.35 -6.36 -12.57
CA SER A 5 9.06 -5.11 -11.88
C SER A 5 10.34 -4.44 -11.40
N SER A 6 10.33 -3.11 -11.34
CA SER A 6 11.49 -2.36 -10.91
C SER A 6 11.46 -2.14 -9.39
N GLY A 7 11.08 -3.18 -8.67
CA GLY A 7 11.01 -3.09 -7.22
C GLY A 7 10.32 -1.83 -6.74
N VAL A 8 8.99 -1.87 -6.66
CA VAL A 8 8.22 -0.73 -6.22
C VAL A 8 7.92 -0.80 -4.73
N GLU A 9 8.53 0.11 -3.96
CA GLU A 9 8.34 0.15 -2.52
C GLU A 9 7.28 1.18 -2.14
N LEU A 10 6.68 0.99 -0.97
CA LEU A 10 5.65 1.90 -0.49
C LEU A 10 6.20 3.30 -0.28
N HIS A 11 7.29 3.40 0.46
CA HIS A 11 7.92 4.69 0.73
C HIS A 11 8.46 5.31 -0.55
N LYS A 12 9.12 4.49 -1.37
CA LYS A 12 9.67 4.96 -2.63
C LYS A 12 8.68 5.85 -3.37
N LEU A 13 7.42 5.44 -3.38
CA LEU A 13 6.37 6.21 -4.04
C LEU A 13 6.21 7.58 -3.40
N LYS A 14 6.00 8.60 -4.24
CA LYS A 14 5.82 9.96 -3.75
C LYS A 14 4.44 10.13 -3.12
N LEU A 15 4.20 11.33 -2.58
CA LEU A 15 2.91 11.63 -1.95
C LEU A 15 1.76 11.42 -2.93
N ALA A 16 1.93 11.92 -4.15
CA ALA A 16 0.91 11.79 -5.17
C ALA A 16 0.60 10.32 -5.46
N GLU A 17 1.64 9.50 -5.49
CA GLU A 17 1.48 8.07 -5.76
C GLU A 17 0.72 7.40 -4.63
N LEU A 18 1.08 7.73 -3.40
CA LEU A 18 0.43 7.15 -2.22
C LEU A 18 -1.05 7.49 -2.20
N LYS A 19 -1.37 8.75 -2.47
CA LYS A 19 -2.77 9.20 -2.49
C LYS A 19 -3.57 8.46 -3.56
N GLN A 20 -2.94 8.24 -4.71
CA GLN A 20 -3.59 7.54 -5.81
C GLN A 20 -3.99 6.13 -5.40
N GLU A 21 -3.07 5.44 -4.73
CA GLU A 21 -3.32 4.07 -4.29
C GLU A 21 -4.48 4.02 -3.31
N CYS A 22 -4.48 4.93 -2.33
CA CYS A 22 -5.53 4.99 -1.33
C CYS A 22 -6.88 5.30 -1.98
N LEU A 23 -6.87 6.22 -2.93
CA LEU A 23 -8.10 6.61 -3.63
C LEU A 23 -8.67 5.43 -4.41
N ALA A 24 -7.80 4.74 -5.15
CA ALA A 24 -8.23 3.59 -5.94
C ALA A 24 -8.87 2.53 -5.06
N ARG A 25 -8.31 2.32 -3.88
CA ARG A 25 -8.83 1.33 -2.95
C ARG A 25 -10.07 1.84 -2.23
N GLY A 26 -10.13 3.16 -2.04
CA GLY A 26 -11.27 3.76 -1.38
C GLY A 26 -11.03 4.00 0.10
N LEU A 27 -9.82 4.43 0.44
CA LEU A 27 -9.44 4.70 1.83
C LEU A 27 -9.44 6.20 2.11
N GLU A 28 -9.05 6.57 3.32
CA GLU A 28 -8.99 7.96 3.72
C GLU A 28 -7.64 8.57 3.37
N THR A 29 -7.65 9.51 2.43
CA THR A 29 -6.42 10.18 2.00
C THR A 29 -6.15 11.43 2.83
N LYS A 30 -6.66 11.44 4.06
CA LYS A 30 -6.48 12.57 4.95
C LYS A 30 -5.33 12.32 5.93
N GLY A 31 -4.43 13.28 6.04
CA GLY A 31 -3.31 13.14 6.95
C GLY A 31 -1.99 13.47 6.28
N ILE A 32 -0.95 12.70 6.62
CA ILE A 32 0.37 12.92 6.05
C ILE A 32 0.89 11.67 5.34
N LYS A 33 2.13 11.72 4.87
CA LYS A 33 2.73 10.59 4.17
C LYS A 33 2.63 9.32 5.01
N GLN A 34 3.01 9.44 6.28
CA GLN A 34 2.97 8.29 7.20
C GLN A 34 1.57 7.71 7.27
N ASP A 35 0.57 8.58 7.23
CA ASP A 35 -0.83 8.16 7.30
C ASP A 35 -1.19 7.30 6.10
N LEU A 36 -0.74 7.72 4.93
CA LEU A 36 -1.03 6.99 3.69
C LEU A 36 -0.34 5.63 3.70
N ILE A 37 0.94 5.62 4.03
CA ILE A 37 1.71 4.38 4.08
C ILE A 37 1.15 3.43 5.13
N HIS A 38 0.97 3.95 6.34
CA HIS A 38 0.45 3.14 7.44
C HIS A 38 -0.89 2.51 7.06
N ARG A 39 -1.73 3.28 6.37
CA ARG A 39 -3.04 2.79 5.94
C ARG A 39 -2.90 1.74 4.85
N LEU A 40 -1.96 1.97 3.94
CA LEU A 40 -1.73 1.03 2.84
C LEU A 40 -1.25 -0.32 3.36
N GLN A 41 -0.39 -0.29 4.37
CA GLN A 41 0.13 -1.51 4.97
C GLN A 41 -0.96 -2.26 5.73
N ALA A 42 -1.71 -1.53 6.54
CA ALA A 42 -2.78 -2.13 7.33
C ALA A 42 -3.83 -2.77 6.42
N TYR A 43 -4.12 -2.11 5.31
CA TYR A 43 -5.11 -2.61 4.36
C TYR A 43 -4.60 -3.85 3.64
N LEU A 44 -3.31 -3.83 3.29
CA LEU A 44 -2.69 -4.95 2.59
C LEU A 44 -2.65 -6.18 3.48
N GLU A 45 -2.24 -5.99 4.74
CA GLU A 45 -2.16 -7.09 5.68
C GLU A 45 -3.55 -7.61 6.06
N GLU A 46 -4.45 -6.68 6.35
CA GLU A 46 -5.81 -7.04 6.72
C GLU A 46 -6.49 -7.82 5.59
N HIS A 47 -6.55 -7.22 4.40
CA HIS A 47 -7.17 -7.86 3.26
C HIS A 47 -6.34 -9.06 2.79
N ALA A 48 -5.03 -8.86 2.67
CA ALA A 48 -4.14 -9.92 2.23
C ALA A 48 -3.18 -10.32 3.34
N GLU A 49 -2.97 -11.62 3.51
CA GLU A 49 -2.07 -12.13 4.54
C GLU A 49 -0.81 -12.74 3.91
N SER A 50 0.16 -11.89 3.63
CA SER A 50 1.41 -12.34 3.03
C SER A 50 2.59 -12.09 3.97
N GLY A 51 3.69 -12.82 3.74
CA GLY A 51 4.86 -12.65 4.57
C GLY A 51 4.57 -12.85 6.04
N PRO A 52 5.59 -12.63 6.89
CA PRO A 52 5.45 -12.78 8.34
C PRO A 52 4.56 -11.71 8.96
N SER A 53 3.67 -12.13 9.86
CA SER A 53 2.77 -11.20 10.52
C SER A 53 2.28 -11.77 11.85
N SER A 54 2.46 -10.99 12.92
CA SER A 54 2.04 -11.42 14.25
C SER A 54 1.24 -10.33 14.95
N GLY A 55 0.29 -10.75 15.78
CA GLY A 55 -0.54 -9.79 16.49
C GLY A 55 0.27 -8.84 17.34
N GLY A 1 13.74 -17.69 -10.42
CA GLY A 1 14.00 -16.35 -9.93
C GLY A 1 13.64 -15.28 -10.94
N SER A 2 12.48 -14.66 -10.75
CA SER A 2 12.02 -13.62 -11.66
C SER A 2 13.09 -12.55 -11.85
N SER A 3 12.92 -11.73 -12.89
CA SER A 3 13.88 -10.67 -13.18
C SER A 3 13.18 -9.33 -13.30
N GLY A 4 13.74 -8.31 -12.65
CA GLY A 4 13.14 -6.98 -12.69
C GLY A 4 13.33 -6.23 -11.39
N SER A 5 12.62 -6.65 -10.35
CA SER A 5 12.71 -6.00 -9.05
C SER A 5 12.31 -6.96 -7.93
N SER A 6 12.42 -6.50 -6.69
CA SER A 6 12.08 -7.33 -5.53
C SER A 6 10.98 -6.66 -4.71
N GLY A 7 9.74 -7.07 -4.95
CA GLY A 7 8.61 -6.51 -4.22
C GLY A 7 8.46 -5.02 -4.46
N VAL A 8 7.30 -4.48 -4.09
CA VAL A 8 7.02 -3.06 -4.26
C VAL A 8 7.04 -2.33 -2.93
N GLU A 9 7.95 -1.37 -2.80
CA GLU A 9 8.08 -0.59 -1.58
C GLU A 9 6.93 0.39 -1.43
N LEU A 10 6.63 0.78 -0.19
CA LEU A 10 5.55 1.71 0.09
C LEU A 10 6.09 3.11 0.38
N HIS A 11 7.19 3.15 1.11
CA HIS A 11 7.83 4.43 1.46
C HIS A 11 8.84 4.85 0.40
N LYS A 12 8.41 4.83 -0.87
CA LYS A 12 9.28 5.21 -1.97
C LYS A 12 8.54 6.12 -2.94
N LEU A 13 7.31 5.76 -3.27
CA LEU A 13 6.50 6.57 -4.18
C LEU A 13 6.23 7.95 -3.61
N LYS A 14 6.02 8.92 -4.50
CA LYS A 14 5.75 10.29 -4.07
C LYS A 14 4.39 10.38 -3.38
N LEU A 15 4.10 11.55 -2.81
CA LEU A 15 2.84 11.77 -2.12
C LEU A 15 1.65 11.56 -3.06
N ALA A 16 1.76 12.12 -4.26
CA ALA A 16 0.70 11.98 -5.26
C ALA A 16 0.39 10.51 -5.55
N GLU A 17 1.45 9.71 -5.64
CA GLU A 17 1.30 8.28 -5.92
C GLU A 17 0.57 7.58 -4.78
N LEU A 18 0.91 7.95 -3.55
CA LEU A 18 0.30 7.36 -2.36
C LEU A 18 -1.20 7.65 -2.32
N LYS A 19 -1.55 8.92 -2.52
CA LYS A 19 -2.95 9.33 -2.51
C LYS A 19 -3.74 8.59 -3.58
N GLN A 20 -3.14 8.43 -4.76
CA GLN A 20 -3.80 7.73 -5.86
C GLN A 20 -4.12 6.30 -5.47
N GLU A 21 -3.17 5.62 -4.87
CA GLU A 21 -3.36 4.23 -4.46
C GLU A 21 -4.50 4.11 -3.46
N CYS A 22 -4.53 5.03 -2.48
CA CYS A 22 -5.57 5.02 -1.47
C CYS A 22 -6.93 5.30 -2.08
N LEU A 23 -6.96 6.21 -3.05
CA LEU A 23 -8.21 6.57 -3.72
C LEU A 23 -8.80 5.38 -4.44
N ALA A 24 -7.96 4.66 -5.18
CA ALA A 24 -8.40 3.48 -5.92
C ALA A 24 -8.87 2.38 -4.98
N ARG A 25 -8.17 2.24 -3.86
CA ARG A 25 -8.51 1.22 -2.87
C ARG A 25 -9.79 1.59 -2.13
N GLY A 26 -10.01 2.89 -1.94
CA GLY A 26 -11.19 3.35 -1.24
C GLY A 26 -10.92 3.66 0.21
N LEU A 27 -9.75 4.22 0.49
CA LEU A 27 -9.36 4.56 1.85
C LEU A 27 -9.32 6.08 2.03
N GLU A 28 -9.04 6.51 3.26
CA GLU A 28 -8.97 7.94 3.56
C GLU A 28 -7.58 8.48 3.24
N THR A 29 -7.53 9.47 2.34
CA THR A 29 -6.28 10.08 1.94
C THR A 29 -5.91 11.24 2.86
N LYS A 30 -6.32 11.14 4.12
CA LYS A 30 -6.03 12.18 5.10
C LYS A 30 -4.71 11.91 5.81
N GLY A 31 -4.13 12.96 6.39
CA GLY A 31 -2.86 12.83 7.08
C GLY A 31 -1.68 13.16 6.19
N ILE A 32 -0.51 12.63 6.55
CA ILE A 32 0.70 12.87 5.79
C ILE A 32 1.23 11.58 5.15
N LYS A 33 2.34 11.69 4.44
CA LYS A 33 2.95 10.54 3.79
C LYS A 33 2.87 9.30 4.69
N GLN A 34 3.36 9.45 5.91
CA GLN A 34 3.34 8.34 6.87
C GLN A 34 1.94 7.80 7.06
N ASP A 35 0.97 8.71 7.15
CA ASP A 35 -0.43 8.32 7.34
C ASP A 35 -0.92 7.49 6.15
N LEU A 36 -0.55 7.91 4.95
CA LEU A 36 -0.96 7.20 3.74
C LEU A 36 -0.34 5.81 3.69
N ILE A 37 0.94 5.73 4.03
CA ILE A 37 1.66 4.45 4.02
C ILE A 37 1.11 3.52 5.10
N HIS A 38 0.95 4.05 6.31
CA HIS A 38 0.44 3.26 7.41
C HIS A 38 -0.90 2.61 7.06
N ARG A 39 -1.79 3.39 6.45
CA ARG A 39 -3.09 2.88 6.06
C ARG A 39 -2.96 1.81 4.98
N LEU A 40 -2.08 2.04 4.02
CA LEU A 40 -1.86 1.10 2.94
C LEU A 40 -1.42 -0.26 3.48
N GLN A 41 -0.53 -0.24 4.48
CA GLN A 41 -0.04 -1.46 5.08
C GLN A 41 -1.16 -2.21 5.80
N ALA A 42 -1.94 -1.49 6.58
CA ALA A 42 -3.04 -2.08 7.32
C ALA A 42 -4.02 -2.79 6.38
N TYR A 43 -4.31 -2.14 5.25
CA TYR A 43 -5.23 -2.70 4.27
C TYR A 43 -4.64 -3.96 3.63
N LEU A 44 -3.35 -3.92 3.33
CA LEU A 44 -2.67 -5.06 2.73
C LEU A 44 -2.71 -6.27 3.64
N GLU A 45 -2.37 -6.07 4.91
CA GLU A 45 -2.37 -7.15 5.88
C GLU A 45 -3.78 -7.67 6.12
N GLU A 46 -4.73 -6.75 6.23
CA GLU A 46 -6.13 -7.11 6.45
C GLU A 46 -6.65 -7.99 5.33
N HIS A 47 -6.53 -7.52 4.10
CA HIS A 47 -6.98 -8.28 2.94
C HIS A 47 -6.23 -9.61 2.83
N ALA A 48 -4.91 -9.53 2.79
CA ALA A 48 -4.08 -10.73 2.68
C ALA A 48 -3.77 -11.31 4.07
N GLU A 49 -4.59 -12.26 4.50
CA GLU A 49 -4.41 -12.89 5.80
C GLU A 49 -3.29 -13.93 5.75
N SER A 50 -2.19 -13.65 6.44
CA SER A 50 -1.05 -14.57 6.46
C SER A 50 -0.75 -15.10 5.07
N GLY A 51 -0.68 -14.19 4.10
CA GLY A 51 -0.40 -14.60 2.73
C GLY A 51 1.08 -14.79 2.48
N PRO A 52 1.76 -13.71 2.07
CA PRO A 52 3.20 -13.75 1.78
C PRO A 52 4.05 -13.92 3.04
N SER A 53 4.71 -15.06 3.15
CA SER A 53 5.55 -15.36 4.31
C SER A 53 6.93 -14.73 4.16
N SER A 54 7.58 -14.99 3.03
CA SER A 54 8.90 -14.45 2.76
C SER A 54 8.81 -13.04 2.18
N GLY A 55 7.93 -12.23 2.76
CA GLY A 55 7.76 -10.86 2.28
C GLY A 55 8.92 -9.97 2.67
N GLY A 1 0.10 -9.83 -22.38
CA GLY A 1 1.17 -8.94 -21.96
C GLY A 1 0.91 -8.35 -20.59
N SER A 2 1.92 -7.65 -20.05
CA SER A 2 1.80 -7.04 -18.74
C SER A 2 1.45 -8.09 -17.68
N SER A 3 2.10 -9.24 -17.76
CA SER A 3 1.84 -10.32 -16.82
C SER A 3 3.10 -10.62 -15.99
N GLY A 4 3.20 -10.00 -14.83
CA GLY A 4 4.35 -10.22 -13.97
C GLY A 4 5.00 -8.91 -13.54
N SER A 5 4.21 -8.02 -12.96
CA SER A 5 4.72 -6.73 -12.50
C SER A 5 5.31 -6.84 -11.10
N SER A 6 6.59 -6.51 -10.98
CA SER A 6 7.28 -6.59 -9.70
C SER A 6 7.70 -5.19 -9.23
N GLY A 7 7.49 -4.92 -7.95
CA GLY A 7 7.85 -3.63 -7.40
C GLY A 7 6.67 -2.91 -6.77
N VAL A 8 6.26 -3.37 -5.60
CA VAL A 8 5.13 -2.76 -4.89
C VAL A 8 5.60 -2.00 -3.66
N GLU A 9 6.70 -1.27 -3.79
CA GLU A 9 7.25 -0.49 -2.69
C GLU A 9 6.54 0.86 -2.57
N LEU A 10 6.05 1.15 -1.36
CA LEU A 10 5.35 2.40 -1.11
C LEU A 10 6.32 3.47 -0.61
N HIS A 11 7.23 3.07 0.27
CA HIS A 11 8.22 3.99 0.83
C HIS A 11 8.96 4.73 -0.28
N LYS A 12 8.94 4.15 -1.47
CA LYS A 12 9.62 4.74 -2.62
C LYS A 12 8.62 5.43 -3.55
N LEU A 13 7.60 6.04 -2.96
CA LEU A 13 6.58 6.73 -3.74
C LEU A 13 6.21 8.06 -3.09
N LYS A 14 6.09 9.10 -3.91
CA LYS A 14 5.74 10.43 -3.43
C LYS A 14 4.32 10.43 -2.85
N LEU A 15 3.99 11.52 -2.15
CA LEU A 15 2.67 11.65 -1.55
C LEU A 15 1.57 11.50 -2.61
N ALA A 16 1.78 12.13 -3.76
CA ALA A 16 0.81 12.07 -4.85
C ALA A 16 0.54 10.63 -5.25
N GLU A 17 1.60 9.84 -5.37
CA GLU A 17 1.48 8.44 -5.76
C GLU A 17 0.74 7.64 -4.69
N LEU A 18 1.07 7.90 -3.43
CA LEU A 18 0.44 7.19 -2.31
C LEU A 18 -1.05 7.51 -2.26
N LYS A 19 -1.39 8.78 -2.42
CA LYS A 19 -2.79 9.22 -2.39
C LYS A 19 -3.59 8.53 -3.48
N GLN A 20 -3.00 8.42 -4.66
CA GLN A 20 -3.66 7.77 -5.79
C GLN A 20 -3.98 6.32 -5.48
N GLU A 21 -3.01 5.60 -4.92
CA GLU A 21 -3.19 4.21 -4.56
C GLU A 21 -4.33 4.04 -3.55
N CYS A 22 -4.37 4.92 -2.56
CA CYS A 22 -5.40 4.87 -1.54
C CYS A 22 -6.78 5.12 -2.14
N LEU A 23 -6.84 6.01 -3.12
CA LEU A 23 -8.10 6.34 -3.78
C LEU A 23 -8.67 5.12 -4.51
N ALA A 24 -7.80 4.39 -5.19
CA ALA A 24 -8.21 3.20 -5.93
C ALA A 24 -8.65 2.09 -4.99
N ARG A 25 -7.97 2.00 -3.84
CA ARG A 25 -8.28 0.98 -2.84
C ARG A 25 -9.54 1.35 -2.07
N GLY A 26 -9.77 2.65 -1.91
CA GLY A 26 -10.94 3.12 -1.18
C GLY A 26 -10.62 3.45 0.27
N LEU A 27 -9.43 4.00 0.51
CA LEU A 27 -9.02 4.36 1.85
C LEU A 27 -9.09 5.87 2.06
N GLU A 28 -8.81 6.31 3.29
CA GLU A 28 -8.85 7.73 3.60
C GLU A 28 -7.52 8.40 3.26
N THR A 29 -7.57 9.39 2.38
CA THR A 29 -6.37 10.11 1.97
C THR A 29 -6.21 11.41 2.75
N LYS A 30 -6.47 11.35 4.06
CA LYS A 30 -6.36 12.51 4.92
C LYS A 30 -5.26 12.32 5.96
N GLY A 31 -4.30 13.25 5.99
CA GLY A 31 -3.22 13.16 6.93
C GLY A 31 -1.87 13.45 6.30
N ILE A 32 -0.88 12.62 6.63
CA ILE A 32 0.46 12.79 6.09
C ILE A 32 0.91 11.54 5.33
N LYS A 33 2.12 11.59 4.79
CA LYS A 33 2.66 10.46 4.04
C LYS A 33 2.59 9.18 4.85
N GLN A 34 3.08 9.25 6.10
CA GLN A 34 3.07 8.10 6.98
C GLN A 34 1.66 7.53 7.13
N ASP A 35 0.68 8.42 7.21
CA ASP A 35 -0.72 8.02 7.35
C ASP A 35 -1.17 7.22 6.13
N LEU A 36 -0.77 7.65 4.95
CA LEU A 36 -1.14 6.99 3.72
C LEU A 36 -0.49 5.61 3.63
N ILE A 37 0.81 5.55 3.89
CA ILE A 37 1.54 4.29 3.85
C ILE A 37 1.03 3.32 4.90
N HIS A 38 0.91 3.81 6.14
CA HIS A 38 0.43 2.99 7.24
C HIS A 38 -0.94 2.39 6.92
N ARG A 39 -1.81 3.20 6.32
CA ARG A 39 -3.15 2.75 5.97
C ARG A 39 -3.10 1.77 4.79
N LEU A 40 -2.25 2.06 3.82
CA LEU A 40 -2.10 1.21 2.65
C LEU A 40 -1.57 -0.17 3.03
N GLN A 41 -0.55 -0.19 3.89
CA GLN A 41 0.04 -1.44 4.34
C GLN A 41 -0.89 -2.17 5.31
N ALA A 42 -1.47 -1.42 6.24
CA ALA A 42 -2.39 -1.99 7.21
C ALA A 42 -3.61 -2.60 6.54
N TYR A 43 -4.12 -1.92 5.54
CA TYR A 43 -5.30 -2.39 4.81
C TYR A 43 -4.96 -3.62 3.98
N LEU A 44 -3.78 -3.61 3.36
CA LEU A 44 -3.33 -4.73 2.54
C LEU A 44 -3.16 -5.99 3.38
N GLU A 45 -2.47 -5.86 4.51
CA GLU A 45 -2.23 -6.98 5.40
C GLU A 45 -3.52 -7.42 6.08
N GLU A 46 -4.35 -6.45 6.45
CA GLU A 46 -5.61 -6.73 7.12
C GLU A 46 -6.57 -7.44 6.17
N HIS A 47 -6.85 -6.81 5.03
CA HIS A 47 -7.75 -7.39 4.04
C HIS A 47 -6.98 -8.18 2.99
N ALA A 48 -5.98 -8.94 3.45
CA ALA A 48 -5.17 -9.74 2.55
C ALA A 48 -5.91 -10.99 2.10
N GLU A 49 -6.54 -10.91 0.93
CA GLU A 49 -7.29 -12.04 0.39
C GLU A 49 -6.35 -13.09 -0.18
N SER A 50 -6.71 -14.35 0.02
CA SER A 50 -5.89 -15.46 -0.48
C SER A 50 -6.70 -16.75 -0.56
N GLY A 51 -6.10 -17.79 -1.13
CA GLY A 51 -6.78 -19.06 -1.25
C GLY A 51 -6.96 -19.49 -2.69
N PRO A 52 -7.51 -20.71 -2.89
CA PRO A 52 -7.74 -21.26 -4.22
C PRO A 52 -8.84 -20.54 -4.97
N SER A 53 -9.42 -19.52 -4.33
CA SER A 53 -10.49 -18.74 -4.94
C SER A 53 -10.08 -18.23 -6.32
N SER A 54 -8.89 -17.66 -6.40
CA SER A 54 -8.37 -17.13 -7.66
C SER A 54 -7.26 -18.01 -8.21
N GLY A 55 -6.35 -18.42 -7.34
CA GLY A 55 -5.25 -19.26 -7.76
C GLY A 55 -4.31 -19.62 -6.61
N GLY A 1 14.65 -18.60 -9.73
CA GLY A 1 15.48 -18.13 -8.64
C GLY A 1 14.92 -18.50 -7.29
N SER A 2 13.86 -17.80 -6.87
CA SER A 2 13.23 -18.06 -5.59
C SER A 2 11.76 -17.65 -5.61
N SER A 3 10.99 -18.19 -4.67
CA SER A 3 9.56 -17.88 -4.58
C SER A 3 9.08 -17.96 -3.14
N GLY A 4 8.43 -16.89 -2.69
CA GLY A 4 7.93 -16.85 -1.33
C GLY A 4 8.35 -15.60 -0.59
N SER A 5 7.97 -14.44 -1.11
CA SER A 5 8.32 -13.16 -0.50
C SER A 5 7.58 -12.01 -1.18
N SER A 6 7.46 -10.90 -0.47
CA SER A 6 6.77 -9.73 -1.00
C SER A 6 7.49 -8.45 -0.59
N GLY A 7 7.19 -7.36 -1.29
CA GLY A 7 7.81 -6.09 -1.00
C GLY A 7 7.23 -4.94 -1.80
N VAL A 8 6.03 -4.51 -1.40
CA VAL A 8 5.35 -3.41 -2.10
C VAL A 8 5.86 -2.06 -1.61
N GLU A 9 6.99 -1.62 -2.16
CA GLU A 9 7.57 -0.34 -1.78
C GLU A 9 6.50 0.74 -1.69
N LEU A 10 6.61 1.58 -0.66
CA LEU A 10 5.65 2.67 -0.47
C LEU A 10 6.36 4.01 -0.32
N HIS A 11 7.39 4.03 0.53
CA HIS A 11 8.16 5.25 0.76
C HIS A 11 8.54 5.90 -0.55
N LYS A 12 9.17 5.14 -1.44
CA LYS A 12 9.59 5.65 -2.74
C LYS A 12 8.46 6.46 -3.39
N LEU A 13 7.25 5.90 -3.38
CA LEU A 13 6.10 6.56 -3.97
C LEU A 13 5.85 7.91 -3.30
N LYS A 14 5.85 8.97 -4.10
CA LYS A 14 5.61 10.31 -3.58
C LYS A 14 4.22 10.44 -2.98
N LEU A 15 3.90 11.61 -2.45
CA LEU A 15 2.59 11.86 -1.86
C LEU A 15 1.48 11.61 -2.86
N ALA A 16 1.67 12.10 -4.08
CA ALA A 16 0.68 11.93 -5.13
C ALA A 16 0.44 10.46 -5.44
N GLU A 17 1.52 9.68 -5.46
CA GLU A 17 1.43 8.25 -5.74
C GLU A 17 0.68 7.54 -4.62
N LEU A 18 1.01 7.88 -3.38
CA LEU A 18 0.38 7.26 -2.22
C LEU A 18 -1.12 7.55 -2.20
N LYS A 19 -1.48 8.80 -2.45
CA LYS A 19 -2.88 9.20 -2.46
C LYS A 19 -3.65 8.43 -3.53
N GLN A 20 -3.03 8.26 -4.70
CA GLN A 20 -3.67 7.54 -5.81
C GLN A 20 -3.99 6.10 -5.40
N GLU A 21 -3.04 5.46 -4.73
CA GLU A 21 -3.23 4.08 -4.29
C GLU A 21 -4.41 3.97 -3.33
N CYS A 22 -4.48 4.90 -2.39
CA CYS A 22 -5.56 4.91 -1.40
C CYS A 22 -6.91 5.09 -2.08
N LEU A 23 -6.96 5.97 -3.07
CA LEU A 23 -8.20 6.23 -3.80
C LEU A 23 -8.67 4.98 -4.53
N ALA A 24 -7.76 4.33 -5.22
CA ALA A 24 -8.07 3.11 -5.97
C ALA A 24 -8.64 2.04 -5.05
N ARG A 25 -8.09 1.93 -3.85
CA ARG A 25 -8.53 0.95 -2.88
C ARG A 25 -9.83 1.40 -2.20
N GLY A 26 -9.97 2.72 -2.03
CA GLY A 26 -11.16 3.26 -1.40
C GLY A 26 -10.92 3.62 0.05
N LEU A 27 -9.73 4.13 0.35
CA LEU A 27 -9.39 4.52 1.71
C LEU A 27 -9.31 6.04 1.84
N GLU A 28 -9.16 6.52 3.07
CA GLU A 28 -9.08 7.95 3.34
C GLU A 28 -7.68 8.48 3.04
N THR A 29 -7.59 9.39 2.08
CA THR A 29 -6.32 9.97 1.70
C THR A 29 -5.95 11.14 2.61
N LYS A 30 -6.20 10.97 3.91
CA LYS A 30 -5.89 12.02 4.88
C LYS A 30 -4.65 11.66 5.69
N GLY A 31 -3.92 12.68 6.12
CA GLY A 31 -2.72 12.46 6.90
C GLY A 31 -1.45 12.75 6.11
N ILE A 32 -0.31 12.48 6.73
CA ILE A 32 0.98 12.73 6.08
C ILE A 32 1.49 11.47 5.39
N LYS A 33 2.67 11.58 4.77
CA LYS A 33 3.27 10.45 4.08
C LYS A 33 3.15 9.17 4.90
N GLN A 34 3.62 9.21 6.14
CA GLN A 34 3.56 8.06 7.02
C GLN A 34 2.13 7.58 7.19
N ASP A 35 1.21 8.52 7.33
CA ASP A 35 -0.22 8.20 7.50
C ASP A 35 -0.74 7.42 6.29
N LEU A 36 -0.37 7.87 5.10
CA LEU A 36 -0.80 7.22 3.87
C LEU A 36 -0.26 5.80 3.79
N ILE A 37 1.03 5.64 4.12
CA ILE A 37 1.66 4.33 4.08
C ILE A 37 1.08 3.40 5.14
N HIS A 38 0.93 3.92 6.36
CA HIS A 38 0.38 3.13 7.45
C HIS A 38 -0.99 2.56 7.08
N ARG A 39 -1.80 3.36 6.39
CA ARG A 39 -3.12 2.93 5.98
C ARG A 39 -3.04 1.85 4.91
N LEU A 40 -2.16 2.06 3.93
CA LEU A 40 -1.98 1.09 2.85
C LEU A 40 -1.54 -0.25 3.39
N GLN A 41 -0.64 -0.23 4.38
CA GLN A 41 -0.14 -1.47 4.98
C GLN A 41 -1.25 -2.19 5.74
N ALA A 42 -2.00 -1.44 6.54
CA ALA A 42 -3.09 -2.02 7.32
C ALA A 42 -4.11 -2.69 6.42
N TYR A 43 -4.49 -2.02 5.33
CA TYR A 43 -5.45 -2.56 4.40
C TYR A 43 -4.94 -3.83 3.74
N LEU A 44 -3.65 -3.82 3.38
CA LEU A 44 -3.02 -4.97 2.75
C LEU A 44 -3.09 -6.20 3.66
N GLU A 45 -2.73 -6.01 4.93
CA GLU A 45 -2.76 -7.10 5.90
C GLU A 45 -4.20 -7.51 6.22
N GLU A 46 -5.05 -6.50 6.44
CA GLU A 46 -6.45 -6.76 6.75
C GLU A 46 -7.10 -7.66 5.71
N HIS A 47 -6.86 -7.35 4.44
CA HIS A 47 -7.42 -8.13 3.34
C HIS A 47 -6.34 -8.98 2.68
N ALA A 48 -5.52 -9.63 3.49
CA ALA A 48 -4.45 -10.48 2.99
C ALA A 48 -5.00 -11.79 2.42
N GLU A 49 -5.49 -11.73 1.18
CA GLU A 49 -6.04 -12.90 0.53
C GLU A 49 -4.97 -13.66 -0.24
N SER A 50 -5.08 -14.99 -0.26
CA SER A 50 -4.12 -15.82 -0.96
C SER A 50 -2.71 -15.26 -0.85
N GLY A 51 -2.37 -14.79 0.36
CA GLY A 51 -1.06 -14.22 0.59
C GLY A 51 0.02 -15.28 0.74
N PRO A 52 1.14 -14.91 1.37
CA PRO A 52 2.27 -15.83 1.58
C PRO A 52 1.94 -16.91 2.60
N SER A 53 1.60 -18.10 2.11
CA SER A 53 1.26 -19.22 2.98
C SER A 53 2.02 -20.47 2.57
N SER A 54 2.49 -21.22 3.57
CA SER A 54 3.24 -22.44 3.31
C SER A 54 2.34 -23.66 3.37
N GLY A 55 1.46 -23.70 4.37
CA GLY A 55 0.55 -24.82 4.53
C GLY A 55 1.10 -25.89 5.45
N GLY A 1 4.00 -12.47 -17.00
CA GLY A 1 4.19 -13.55 -16.05
C GLY A 1 5.59 -13.58 -15.46
N SER A 2 6.50 -14.26 -16.14
CA SER A 2 7.87 -14.36 -15.67
C SER A 2 8.71 -13.19 -16.17
N SER A 3 8.88 -12.19 -15.32
CA SER A 3 9.65 -11.00 -15.67
C SER A 3 10.79 -10.77 -14.67
N GLY A 4 11.75 -9.96 -15.06
CA GLY A 4 12.88 -9.67 -14.20
C GLY A 4 12.71 -8.37 -13.44
N SER A 5 12.23 -8.47 -12.19
CA SER A 5 12.01 -7.30 -11.36
C SER A 5 11.59 -7.69 -9.95
N SER A 6 12.41 -7.34 -8.97
CA SER A 6 12.13 -7.67 -7.58
C SER A 6 12.50 -6.51 -6.66
N GLY A 7 11.53 -6.07 -5.87
CA GLY A 7 11.76 -4.96 -4.95
C GLY A 7 10.62 -3.98 -4.91
N VAL A 8 9.73 -4.14 -3.93
CA VAL A 8 8.58 -3.26 -3.79
C VAL A 8 8.75 -2.33 -2.60
N GLU A 9 8.43 -1.06 -2.81
CA GLU A 9 8.55 -0.05 -1.76
C GLU A 9 7.37 0.92 -1.79
N LEU A 10 7.07 1.52 -0.64
CA LEU A 10 5.96 2.46 -0.54
C LEU A 10 6.48 3.88 -0.32
N HIS A 11 7.39 4.03 0.64
CA HIS A 11 7.97 5.33 0.95
C HIS A 11 8.39 6.06 -0.32
N LYS A 12 9.09 5.34 -1.19
CA LYS A 12 9.56 5.92 -2.45
C LYS A 12 8.43 6.69 -3.15
N LEU A 13 7.24 6.11 -3.17
CA LEU A 13 6.09 6.74 -3.79
C LEU A 13 5.76 8.06 -3.12
N LYS A 14 5.81 9.15 -3.89
CA LYS A 14 5.52 10.47 -3.36
C LYS A 14 4.10 10.53 -2.80
N LEU A 15 3.75 11.67 -2.22
CA LEU A 15 2.43 11.87 -1.65
C LEU A 15 1.34 11.64 -2.70
N ALA A 16 1.54 12.19 -3.88
CA ALA A 16 0.59 12.05 -4.97
C ALA A 16 0.38 10.58 -5.33
N GLU A 17 1.48 9.83 -5.38
CA GLU A 17 1.42 8.41 -5.71
C GLU A 17 0.66 7.63 -4.64
N LEU A 18 0.95 7.94 -3.38
CA LEU A 18 0.29 7.26 -2.26
C LEU A 18 -1.21 7.53 -2.26
N LYS A 19 -1.58 8.80 -2.45
CA LYS A 19 -2.99 9.18 -2.48
C LYS A 19 -3.72 8.46 -3.61
N GLN A 20 -3.06 8.35 -4.75
CA GLN A 20 -3.65 7.68 -5.90
C GLN A 20 -3.97 6.21 -5.59
N GLU A 21 -3.02 5.53 -4.96
CA GLU A 21 -3.20 4.13 -4.60
C GLU A 21 -4.36 3.96 -3.62
N CYS A 22 -4.42 4.84 -2.64
CA CYS A 22 -5.47 4.79 -1.63
C CYS A 22 -6.83 5.07 -2.26
N LEU A 23 -6.87 6.00 -3.21
CA LEU A 23 -8.10 6.37 -3.89
C LEU A 23 -8.68 5.16 -4.65
N ALA A 24 -7.83 4.46 -5.38
CA ALA A 24 -8.25 3.29 -6.14
C ALA A 24 -8.73 2.18 -5.22
N ARG A 25 -8.02 2.00 -4.11
CA ARG A 25 -8.36 0.96 -3.14
C ARG A 25 -9.62 1.34 -2.37
N GLY A 26 -9.84 2.63 -2.19
CA GLY A 26 -11.01 3.11 -1.46
C GLY A 26 -10.71 3.39 0.00
N LEU A 27 -9.54 3.95 0.27
CA LEU A 27 -9.13 4.26 1.63
C LEU A 27 -9.14 5.76 1.87
N GLU A 28 -8.87 6.16 3.11
CA GLU A 28 -8.84 7.58 3.47
C GLU A 28 -7.50 8.22 3.09
N THR A 29 -7.55 9.22 2.23
CA THR A 29 -6.35 9.91 1.79
C THR A 29 -6.00 11.06 2.72
N LYS A 30 -6.18 10.84 4.02
CA LYS A 30 -5.88 11.85 5.03
C LYS A 30 -4.66 11.46 5.86
N GLY A 31 -3.76 12.41 6.05
CA GLY A 31 -2.56 12.14 6.83
C GLY A 31 -1.29 12.32 6.03
N ILE A 32 -0.16 12.39 6.72
CA ILE A 32 1.13 12.57 6.05
C ILE A 32 1.56 11.30 5.33
N LYS A 33 2.68 11.37 4.64
CA LYS A 33 3.21 10.23 3.90
C LYS A 33 3.10 8.95 4.73
N GLN A 34 3.58 9.02 5.97
CA GLN A 34 3.54 7.88 6.87
C GLN A 34 2.11 7.42 7.10
N ASP A 35 1.19 8.38 7.19
CA ASP A 35 -0.22 8.07 7.40
C ASP A 35 -0.81 7.33 6.21
N LEU A 36 -0.48 7.81 5.01
CA LEU A 36 -0.98 7.20 3.78
C LEU A 36 -0.42 5.79 3.61
N ILE A 37 0.89 5.64 3.82
CA ILE A 37 1.54 4.35 3.70
C ILE A 37 1.07 3.38 4.78
N HIS A 38 1.08 3.85 6.02
CA HIS A 38 0.67 3.03 7.16
C HIS A 38 -0.74 2.48 6.93
N ARG A 39 -1.62 3.32 6.39
CA ARG A 39 -3.00 2.92 6.13
C ARG A 39 -3.06 1.92 4.98
N LEU A 40 -2.20 2.12 3.99
CA LEU A 40 -2.15 1.23 2.82
C LEU A 40 -1.73 -0.18 3.23
N GLN A 41 -0.70 -0.26 4.07
CA GLN A 41 -0.19 -1.54 4.52
C GLN A 41 -1.18 -2.20 5.49
N ALA A 42 -1.76 -1.40 6.37
CA ALA A 42 -2.72 -1.90 7.34
C ALA A 42 -3.91 -2.55 6.66
N TYR A 43 -4.38 -1.93 5.57
CA TYR A 43 -5.52 -2.44 4.83
C TYR A 43 -5.15 -3.74 4.10
N LEU A 44 -3.99 -3.73 3.45
CA LEU A 44 -3.53 -4.91 2.72
C LEU A 44 -3.42 -6.12 3.64
N GLU A 45 -2.85 -5.91 4.82
CA GLU A 45 -2.68 -6.99 5.79
C GLU A 45 -4.02 -7.36 6.42
N GLU A 46 -4.89 -6.36 6.58
CA GLU A 46 -6.21 -6.58 7.17
C GLU A 46 -7.08 -7.44 6.26
N HIS A 47 -7.19 -7.02 4.99
CA HIS A 47 -7.99 -7.74 4.02
C HIS A 47 -7.15 -8.79 3.29
N ALA A 48 -6.23 -9.42 4.02
CA ALA A 48 -5.36 -10.43 3.45
C ALA A 48 -5.97 -11.82 3.61
N GLU A 49 -5.76 -12.67 2.60
CA GLU A 49 -6.29 -14.03 2.63
C GLU A 49 -5.42 -14.93 3.50
N SER A 50 -4.37 -14.36 4.07
CA SER A 50 -3.46 -15.11 4.92
C SER A 50 -4.06 -15.31 6.31
N GLY A 51 -4.28 -16.57 6.68
CA GLY A 51 -4.84 -16.88 7.97
C GLY A 51 -4.09 -16.23 9.11
N PRO A 52 -4.82 -15.86 10.17
CA PRO A 52 -4.22 -15.22 11.35
C PRO A 52 -3.34 -16.17 12.15
N SER A 53 -2.78 -15.67 13.25
CA SER A 53 -1.92 -16.48 14.11
C SER A 53 -2.63 -16.84 15.40
N SER A 54 -2.66 -18.14 15.71
CA SER A 54 -3.31 -18.63 16.92
C SER A 54 -2.31 -19.30 17.85
N GLY A 55 -2.52 -19.15 19.16
CA GLY A 55 -1.62 -19.76 20.13
C GLY A 55 -0.49 -18.84 20.51
N GLY A 1 16.54 -9.21 -8.41
CA GLY A 1 17.28 -7.98 -8.14
C GLY A 1 18.26 -8.16 -6.99
N SER A 2 18.05 -7.40 -5.92
CA SER A 2 18.93 -7.46 -4.76
C SER A 2 18.11 -7.66 -3.48
N SER A 3 17.02 -6.92 -3.35
CA SER A 3 16.16 -7.03 -2.19
C SER A 3 14.86 -7.75 -2.52
N GLY A 4 14.16 -7.26 -3.54
CA GLY A 4 12.91 -7.87 -3.94
C GLY A 4 11.98 -8.13 -2.77
N SER A 5 11.67 -7.08 -2.02
CA SER A 5 10.79 -7.19 -0.87
C SER A 5 9.41 -6.63 -1.17
N SER A 6 8.46 -7.52 -1.45
CA SER A 6 7.10 -7.11 -1.76
C SER A 6 7.07 -6.21 -2.99
N GLY A 7 7.85 -6.58 -4.01
CA GLY A 7 7.90 -5.79 -5.23
C GLY A 7 8.58 -4.45 -5.02
N VAL A 8 7.78 -3.40 -4.91
CA VAL A 8 8.31 -2.05 -4.70
C VAL A 8 7.96 -1.52 -3.32
N GLU A 9 8.84 -0.68 -2.77
CA GLU A 9 8.62 -0.11 -1.45
C GLU A 9 7.68 1.09 -1.53
N LEU A 10 6.65 1.08 -0.69
CA LEU A 10 5.67 2.16 -0.67
C LEU A 10 6.36 3.51 -0.50
N HIS A 11 7.35 3.56 0.38
CA HIS A 11 8.10 4.79 0.63
C HIS A 11 8.42 5.50 -0.68
N LYS A 12 9.14 4.82 -1.56
CA LYS A 12 9.51 5.38 -2.85
C LYS A 12 8.39 6.25 -3.41
N LEU A 13 7.17 5.71 -3.39
CA LEU A 13 6.01 6.44 -3.91
C LEU A 13 5.89 7.81 -3.25
N LYS A 14 5.70 8.83 -4.08
CA LYS A 14 5.57 10.20 -3.58
C LYS A 14 4.21 10.42 -2.94
N LEU A 15 3.99 11.60 -2.39
CA LEU A 15 2.73 11.94 -1.75
C LEU A 15 1.56 11.77 -2.72
N ALA A 16 1.75 12.22 -3.95
CA ALA A 16 0.72 12.11 -4.98
C ALA A 16 0.44 10.65 -5.32
N GLU A 17 1.50 9.85 -5.38
CA GLU A 17 1.36 8.44 -5.70
C GLU A 17 0.59 7.70 -4.60
N LEU A 18 0.90 8.03 -3.35
CA LEU A 18 0.22 7.40 -2.21
C LEU A 18 -1.26 7.72 -2.22
N LYS A 19 -1.60 8.99 -2.38
CA LYS A 19 -2.99 9.43 -2.41
C LYS A 19 -3.76 8.72 -3.52
N GLN A 20 -3.15 8.65 -4.71
CA GLN A 20 -3.78 8.00 -5.85
C GLN A 20 -4.06 6.53 -5.55
N GLU A 21 -3.08 5.85 -4.97
CA GLU A 21 -3.22 4.44 -4.64
C GLU A 21 -4.38 4.22 -3.65
N CYS A 22 -4.44 5.07 -2.64
CA CYS A 22 -5.49 4.98 -1.63
C CYS A 22 -6.86 5.19 -2.25
N LEU A 23 -6.94 6.09 -3.23
CA LEU A 23 -8.20 6.39 -3.91
C LEU A 23 -8.71 5.16 -4.66
N ALA A 24 -7.80 4.48 -5.36
CA ALA A 24 -8.16 3.29 -6.12
C ALA A 24 -8.53 2.13 -5.18
N ARG A 25 -7.80 2.00 -4.09
CA ARG A 25 -8.05 0.94 -3.13
C ARG A 25 -9.32 1.22 -2.33
N GLY A 26 -9.62 2.49 -2.12
CA GLY A 26 -10.81 2.86 -1.38
C GLY A 26 -10.53 3.17 0.08
N LEU A 27 -9.40 3.82 0.33
CA LEU A 27 -9.01 4.17 1.69
C LEU A 27 -9.07 5.68 1.90
N GLU A 28 -8.82 6.12 3.14
CA GLU A 28 -8.84 7.53 3.47
C GLU A 28 -7.56 8.22 3.03
N THR A 29 -7.71 9.29 2.23
CA THR A 29 -6.55 10.03 1.74
C THR A 29 -6.19 11.16 2.69
N LYS A 30 -6.29 10.91 3.99
CA LYS A 30 -5.96 11.91 5.00
C LYS A 30 -4.72 11.50 5.78
N GLY A 31 -3.90 12.49 6.13
CA GLY A 31 -2.68 12.21 6.88
C GLY A 31 -1.43 12.44 6.06
N ILE A 32 -0.30 12.59 6.74
CA ILE A 32 0.98 12.82 6.06
C ILE A 32 1.43 11.56 5.33
N LYS A 33 2.59 11.65 4.68
CA LYS A 33 3.14 10.53 3.94
C LYS A 33 3.07 9.24 4.76
N GLN A 34 3.54 9.30 6.00
CA GLN A 34 3.53 8.15 6.89
C GLN A 34 2.10 7.66 7.11
N ASP A 35 1.18 8.60 7.31
CA ASP A 35 -0.22 8.27 7.53
C ASP A 35 -0.79 7.49 6.35
N LEU A 36 -0.49 7.95 5.14
CA LEU A 36 -0.96 7.30 3.93
C LEU A 36 -0.42 5.88 3.82
N ILE A 37 0.88 5.72 4.07
CA ILE A 37 1.52 4.42 4.00
C ILE A 37 0.98 3.48 5.08
N HIS A 38 0.88 3.99 6.30
CA HIS A 38 0.39 3.21 7.42
C HIS A 38 -0.98 2.61 7.10
N ARG A 39 -1.84 3.41 6.47
CA ARG A 39 -3.18 2.96 6.11
C ARG A 39 -3.11 1.86 5.05
N LEU A 40 -2.27 2.06 4.04
CA LEU A 40 -2.12 1.09 2.96
C LEU A 40 -1.67 -0.26 3.51
N GLN A 41 -0.74 -0.22 4.47
CA GLN A 41 -0.21 -1.44 5.07
C GLN A 41 -1.29 -2.14 5.90
N ALA A 42 -1.98 -1.38 6.74
CA ALA A 42 -3.04 -1.92 7.57
C ALA A 42 -4.13 -2.56 6.73
N TYR A 43 -4.48 -1.93 5.61
CA TYR A 43 -5.51 -2.44 4.72
C TYR A 43 -5.02 -3.69 3.99
N LEU A 44 -3.75 -3.68 3.60
CA LEU A 44 -3.16 -4.81 2.88
C LEU A 44 -3.12 -6.05 3.77
N GLU A 45 -2.63 -5.88 4.99
CA GLU A 45 -2.53 -6.99 5.93
C GLU A 45 -3.92 -7.50 6.30
N GLU A 46 -4.88 -6.59 6.39
CA GLU A 46 -6.25 -6.95 6.74
C GLU A 46 -6.88 -7.83 5.66
N HIS A 47 -7.00 -7.26 4.46
CA HIS A 47 -7.59 -7.98 3.33
C HIS A 47 -6.68 -9.14 2.91
N ALA A 48 -5.46 -8.81 2.53
CA ALA A 48 -4.49 -9.82 2.09
C ALA A 48 -3.74 -10.41 3.29
N GLU A 49 -4.30 -11.45 3.88
CA GLU A 49 -3.68 -12.10 5.03
C GLU A 49 -2.54 -13.02 4.59
N SER A 50 -2.86 -13.98 3.73
CA SER A 50 -1.86 -14.92 3.22
C SER A 50 -0.80 -14.20 2.41
N GLY A 51 0.43 -14.18 2.92
CA GLY A 51 1.51 -13.52 2.20
C GLY A 51 2.65 -14.47 1.86
N PRO A 52 3.67 -14.53 2.72
CA PRO A 52 4.83 -15.40 2.52
C PRO A 52 4.48 -16.88 2.69
N SER A 53 3.93 -17.47 1.64
CA SER A 53 3.55 -18.88 1.68
C SER A 53 3.39 -19.44 0.26
N SER A 54 3.69 -20.71 0.10
CA SER A 54 3.58 -21.37 -1.20
C SER A 54 3.16 -22.83 -1.05
N GLY A 55 2.52 -23.36 -2.08
CA GLY A 55 2.07 -24.75 -2.04
C GLY A 55 2.01 -25.38 -3.41
N GLY A 1 11.26 -11.99 -8.04
CA GLY A 1 11.96 -13.00 -7.26
C GLY A 1 11.04 -13.77 -6.33
N SER A 2 11.47 -14.95 -5.91
CA SER A 2 10.67 -15.78 -5.01
C SER A 2 9.23 -15.88 -5.51
N SER A 3 9.07 -16.10 -6.81
CA SER A 3 7.75 -16.21 -7.41
C SER A 3 6.91 -14.98 -7.10
N GLY A 4 7.52 -13.80 -7.26
CA GLY A 4 6.81 -12.56 -7.00
C GLY A 4 6.20 -12.52 -5.61
N SER A 5 6.98 -12.07 -4.64
CA SER A 5 6.51 -11.98 -3.26
C SER A 5 6.33 -10.54 -2.83
N SER A 6 5.16 -10.22 -2.29
CA SER A 6 4.87 -8.86 -1.84
C SER A 6 6.06 -8.26 -1.11
N GLY A 7 6.12 -6.94 -1.10
CA GLY A 7 7.22 -6.26 -0.43
C GLY A 7 7.80 -5.12 -1.26
N VAL A 8 6.92 -4.36 -1.91
CA VAL A 8 7.33 -3.24 -2.73
C VAL A 8 7.72 -2.03 -1.88
N GLU A 9 8.67 -1.25 -2.36
CA GLU A 9 9.12 -0.06 -1.63
C GLU A 9 8.08 1.05 -1.70
N LEU A 10 7.15 1.03 -0.75
CA LEU A 10 6.09 2.04 -0.70
C LEU A 10 6.66 3.41 -0.37
N HIS A 11 7.32 3.52 0.77
CA HIS A 11 7.92 4.79 1.20
C HIS A 11 8.45 5.56 0.01
N LYS A 12 9.03 4.84 -0.96
CA LYS A 12 9.57 5.46 -2.16
C LYS A 12 8.52 6.30 -2.87
N LEU A 13 7.38 5.68 -3.15
CA LEU A 13 6.29 6.37 -3.84
C LEU A 13 6.08 7.77 -3.25
N LYS A 14 5.82 8.74 -4.13
CA LYS A 14 5.60 10.11 -3.70
C LYS A 14 4.21 10.27 -3.08
N LEU A 15 3.94 11.45 -2.55
CA LEU A 15 2.64 11.74 -1.93
C LEU A 15 1.51 11.53 -2.92
N ALA A 16 1.70 12.04 -4.13
CA ALA A 16 0.69 11.91 -5.18
C ALA A 16 0.41 10.44 -5.49
N GLU A 17 1.48 9.64 -5.57
CA GLU A 17 1.34 8.22 -5.87
C GLU A 17 0.60 7.50 -4.74
N LEU A 18 0.97 7.82 -3.50
CA LEU A 18 0.34 7.20 -2.35
C LEU A 18 -1.15 7.50 -2.31
N LYS A 19 -1.51 8.75 -2.58
CA LYS A 19 -2.91 9.16 -2.58
C LYS A 19 -3.70 8.38 -3.62
N GLN A 20 -3.11 8.21 -4.80
CA GLN A 20 -3.76 7.48 -5.88
C GLN A 20 -4.08 6.04 -5.46
N GLU A 21 -3.12 5.41 -4.80
CA GLU A 21 -3.29 4.03 -4.34
C GLU A 21 -4.42 3.94 -3.32
N CYS A 22 -4.43 4.86 -2.38
CA CYS A 22 -5.46 4.88 -1.33
C CYS A 22 -6.83 5.17 -1.93
N LEU A 23 -6.86 6.02 -2.95
CA LEU A 23 -8.11 6.39 -3.61
C LEU A 23 -8.76 5.17 -4.26
N ALA A 24 -7.95 4.38 -4.96
CA ALA A 24 -8.44 3.18 -5.63
C ALA A 24 -8.88 2.13 -4.61
N ARG A 25 -8.12 2.01 -3.53
CA ARG A 25 -8.43 1.04 -2.48
C ARG A 25 -9.67 1.47 -1.69
N GLY A 26 -9.87 2.78 -1.57
CA GLY A 26 -11.02 3.29 -0.84
C GLY A 26 -10.68 3.70 0.57
N LEU A 27 -9.42 4.10 0.78
CA LEU A 27 -8.96 4.52 2.09
C LEU A 27 -8.86 6.04 2.17
N GLU A 28 -8.66 6.55 3.39
CA GLU A 28 -8.54 7.99 3.60
C GLU A 28 -7.39 8.57 2.79
N THR A 29 -7.48 9.85 2.47
CA THR A 29 -6.44 10.53 1.70
C THR A 29 -5.97 11.79 2.40
N LYS A 30 -6.19 11.85 3.71
CA LYS A 30 -5.78 13.02 4.50
C LYS A 30 -4.62 12.65 5.43
N GLY A 31 -4.11 13.67 6.13
CA GLY A 31 -3.00 13.44 7.04
C GLY A 31 -1.65 13.68 6.40
N ILE A 32 -0.71 12.78 6.64
CA ILE A 32 0.63 12.91 6.07
C ILE A 32 1.03 11.63 5.33
N LYS A 33 2.25 11.62 4.81
CA LYS A 33 2.76 10.47 4.08
C LYS A 33 2.64 9.19 4.92
N GLN A 34 3.13 9.27 6.16
CA GLN A 34 3.08 8.12 7.06
C GLN A 34 1.66 7.59 7.18
N ASP A 35 0.69 8.49 7.22
CA ASP A 35 -0.72 8.12 7.34
C ASP A 35 -1.16 7.31 6.12
N LEU A 36 -0.75 7.75 4.94
CA LEU A 36 -1.11 7.07 3.70
C LEU A 36 -0.47 5.68 3.64
N ILE A 37 0.83 5.62 3.93
CA ILE A 37 1.56 4.36 3.92
C ILE A 37 1.02 3.40 4.98
N HIS A 38 0.91 3.88 6.20
CA HIS A 38 0.41 3.07 7.30
C HIS A 38 -0.95 2.47 6.97
N ARG A 39 -1.77 3.25 6.26
CA ARG A 39 -3.10 2.81 5.87
C ARG A 39 -3.02 1.75 4.76
N LEU A 40 -2.08 1.95 3.85
CA LEU A 40 -1.90 1.02 2.73
C LEU A 40 -1.44 -0.34 3.23
N GLN A 41 -0.56 -0.34 4.23
CA GLN A 41 -0.06 -1.59 4.80
C GLN A 41 -1.13 -2.30 5.63
N ALA A 42 -1.84 -1.52 6.44
CA ALA A 42 -2.90 -2.08 7.28
C ALA A 42 -3.98 -2.74 6.43
N TYR A 43 -4.29 -2.14 5.30
CA TYR A 43 -5.31 -2.67 4.40
C TYR A 43 -4.80 -3.92 3.68
N LEU A 44 -3.54 -3.89 3.29
CA LEU A 44 -2.92 -5.02 2.59
C LEU A 44 -2.90 -6.25 3.47
N GLU A 45 -2.53 -6.07 4.74
CA GLU A 45 -2.48 -7.18 5.68
C GLU A 45 -3.88 -7.68 6.01
N GLU A 46 -4.82 -6.75 6.13
CA GLU A 46 -6.21 -7.11 6.44
C GLU A 46 -6.85 -7.88 5.30
N HIS A 47 -6.73 -7.34 4.09
CA HIS A 47 -7.30 -7.98 2.91
C HIS A 47 -6.29 -8.94 2.28
N ALA A 48 -5.60 -9.70 3.12
CA ALA A 48 -4.61 -10.66 2.64
C ALA A 48 -5.24 -12.01 2.38
N GLU A 49 -4.77 -12.68 1.32
CA GLU A 49 -5.29 -14.00 0.96
C GLU A 49 -4.59 -15.10 1.74
N SER A 50 -4.37 -14.85 3.04
CA SER A 50 -3.69 -15.82 3.89
C SER A 50 -4.53 -16.11 5.13
N GLY A 51 -4.95 -17.37 5.27
CA GLY A 51 -5.75 -17.76 6.42
C GLY A 51 -6.73 -18.87 6.08
N PRO A 52 -7.03 -19.71 7.07
CA PRO A 52 -7.97 -20.84 6.91
C PRO A 52 -9.40 -20.37 6.74
N SER A 53 -10.29 -21.30 6.38
CA SER A 53 -11.70 -20.98 6.20
C SER A 53 -12.59 -22.04 6.85
N SER A 54 -13.89 -21.77 6.87
CA SER A 54 -14.85 -22.71 7.47
C SER A 54 -15.09 -23.90 6.54
N GLY A 55 -15.53 -25.01 7.14
CA GLY A 55 -15.79 -26.20 6.35
C GLY A 55 -16.03 -27.42 7.23
N GLY A 1 8.74 -18.67 4.11
CA GLY A 1 7.85 -18.32 5.20
C GLY A 1 7.36 -16.89 5.11
N SER A 2 7.32 -16.21 6.25
CA SER A 2 6.86 -14.83 6.31
C SER A 2 7.96 -13.88 5.84
N SER A 3 7.57 -12.68 5.44
CA SER A 3 8.52 -11.68 4.95
C SER A 3 9.56 -12.31 4.05
N GLY A 4 9.12 -13.21 3.17
CA GLY A 4 10.02 -13.88 2.26
C GLY A 4 10.34 -13.04 1.04
N SER A 5 9.46 -13.07 0.05
CA SER A 5 9.66 -12.31 -1.18
C SER A 5 9.28 -10.86 -0.98
N SER A 6 9.90 -9.98 -1.76
CA SER A 6 9.64 -8.54 -1.66
C SER A 6 9.41 -7.94 -3.04
N GLY A 7 8.92 -6.70 -3.08
CA GLY A 7 8.67 -6.03 -4.33
C GLY A 7 8.83 -4.53 -4.24
N VAL A 8 8.21 -3.81 -5.16
CA VAL A 8 8.29 -2.36 -5.18
C VAL A 8 7.71 -1.75 -3.90
N GLU A 9 8.57 -1.49 -2.92
CA GLU A 9 8.14 -0.91 -1.65
C GLU A 9 7.17 0.24 -1.89
N LEU A 10 6.53 0.68 -0.80
CA LEU A 10 5.57 1.78 -0.88
C LEU A 10 6.25 3.11 -0.56
N HIS A 11 6.96 3.15 0.55
CA HIS A 11 7.66 4.36 0.98
C HIS A 11 8.19 5.13 -0.22
N LYS A 12 9.06 4.49 -1.00
CA LYS A 12 9.63 5.12 -2.19
C LYS A 12 8.60 5.98 -2.91
N LEU A 13 7.46 5.38 -3.23
CA LEU A 13 6.40 6.10 -3.92
C LEU A 13 6.18 7.48 -3.31
N LYS A 14 6.06 8.49 -4.16
CA LYS A 14 5.84 9.86 -3.71
C LYS A 14 4.47 10.02 -3.09
N LEU A 15 4.20 11.20 -2.54
CA LEU A 15 2.91 11.48 -1.91
C LEU A 15 1.77 11.31 -2.91
N ALA A 16 1.97 11.81 -4.12
CA ALA A 16 0.96 11.70 -5.17
C ALA A 16 0.62 10.25 -5.45
N GLU A 17 1.64 9.41 -5.51
CA GLU A 17 1.44 7.98 -5.78
C GLU A 17 0.66 7.32 -4.65
N LEU A 18 1.03 7.64 -3.41
CA LEU A 18 0.38 7.08 -2.25
C LEU A 18 -1.10 7.43 -2.23
N LYS A 19 -1.40 8.70 -2.48
CA LYS A 19 -2.78 9.17 -2.50
C LYS A 19 -3.61 8.40 -3.52
N GLN A 20 -3.05 8.22 -4.71
CA GLN A 20 -3.73 7.49 -5.77
C GLN A 20 -4.06 6.07 -5.34
N GLU A 21 -3.13 5.45 -4.62
CA GLU A 21 -3.33 4.08 -4.14
C GLU A 21 -4.50 3.99 -3.18
N CYS A 22 -4.54 4.93 -2.22
CA CYS A 22 -5.61 4.96 -1.24
C CYS A 22 -6.96 5.23 -1.90
N LEU A 23 -6.96 6.11 -2.89
CA LEU A 23 -8.18 6.46 -3.60
C LEU A 23 -8.76 5.23 -4.31
N ALA A 24 -7.91 4.50 -5.01
CA ALA A 24 -8.33 3.31 -5.72
C ALA A 24 -8.91 2.26 -4.76
N ARG A 25 -8.29 2.13 -3.59
CA ARG A 25 -8.74 1.17 -2.60
C ARG A 25 -10.00 1.69 -1.89
N GLY A 26 -10.10 3.00 -1.75
CA GLY A 26 -11.25 3.59 -1.09
C GLY A 26 -10.97 3.96 0.35
N LEU A 27 -9.77 4.50 0.60
CA LEU A 27 -9.38 4.89 1.94
C LEU A 27 -9.40 6.42 2.09
N GLU A 28 -9.15 6.89 3.30
CA GLU A 28 -9.15 8.32 3.57
C GLU A 28 -7.77 8.93 3.33
N THR A 29 -7.65 9.70 2.25
CA THR A 29 -6.38 10.34 1.91
C THR A 29 -6.16 11.62 2.70
N LYS A 30 -6.53 11.57 3.99
CA LYS A 30 -6.37 12.72 4.87
C LYS A 30 -5.25 12.50 5.87
N GLY A 31 -4.36 13.48 6.00
CA GLY A 31 -3.26 13.36 6.93
C GLY A 31 -1.92 13.68 6.28
N ILE A 32 -0.94 12.81 6.51
CA ILE A 32 0.39 13.00 5.95
C ILE A 32 0.89 11.72 5.29
N LYS A 33 2.07 11.80 4.69
CA LYS A 33 2.67 10.64 4.02
C LYS A 33 2.62 9.41 4.91
N GLN A 34 3.06 9.57 6.16
CA GLN A 34 3.05 8.47 7.11
C GLN A 34 1.67 7.84 7.22
N ASP A 35 0.65 8.69 7.28
CA ASP A 35 -0.74 8.22 7.39
C ASP A 35 -1.11 7.38 6.17
N LEU A 36 -0.74 7.85 4.99
CA LEU A 36 -1.04 7.14 3.75
C LEU A 36 -0.34 5.79 3.70
N ILE A 37 0.94 5.79 4.07
CA ILE A 37 1.72 4.56 4.07
C ILE A 37 1.22 3.59 5.14
N HIS A 38 0.92 4.13 6.32
CA HIS A 38 0.42 3.31 7.42
C HIS A 38 -0.87 2.60 7.04
N ARG A 39 -1.74 3.32 6.33
CA ARG A 39 -3.02 2.78 5.91
C ARG A 39 -2.83 1.70 4.84
N LEU A 40 -1.93 1.97 3.90
CA LEU A 40 -1.64 1.02 2.82
C LEU A 40 -1.16 -0.31 3.38
N GLN A 41 -0.25 -0.25 4.34
CA GLN A 41 0.29 -1.45 4.97
C GLN A 41 -0.80 -2.21 5.73
N ALA A 42 -1.58 -1.47 6.51
CA ALA A 42 -2.65 -2.07 7.30
C ALA A 42 -3.69 -2.73 6.40
N TYR A 43 -4.07 -2.02 5.33
CA TYR A 43 -5.06 -2.54 4.39
C TYR A 43 -4.53 -3.78 3.67
N LEU A 44 -3.25 -3.73 3.31
CA LEU A 44 -2.62 -4.85 2.60
C LEU A 44 -2.68 -6.12 3.44
N GLU A 45 -2.29 -6.01 4.70
CA GLU A 45 -2.29 -7.16 5.61
C GLU A 45 -3.71 -7.66 5.82
N GLU A 46 -4.66 -6.74 5.92
CA GLU A 46 -6.06 -7.10 6.13
C GLU A 46 -6.58 -7.97 4.99
N HIS A 47 -6.44 -7.47 3.77
CA HIS A 47 -6.90 -8.21 2.59
C HIS A 47 -5.82 -9.18 2.11
N ALA A 48 -5.08 -9.75 3.05
CA ALA A 48 -4.02 -10.70 2.72
C ALA A 48 -4.42 -11.57 1.53
N GLU A 49 -3.58 -11.58 0.51
CA GLU A 49 -3.84 -12.38 -0.69
C GLU A 49 -3.86 -13.87 -0.36
N SER A 50 -4.44 -14.65 -1.25
CA SER A 50 -4.53 -16.10 -1.05
C SER A 50 -3.16 -16.74 -1.17
N GLY A 51 -2.52 -16.56 -2.32
CA GLY A 51 -1.20 -17.13 -2.54
C GLY A 51 -0.36 -16.29 -3.48
N PRO A 52 0.29 -15.26 -2.93
CA PRO A 52 1.15 -14.36 -3.69
C PRO A 52 2.43 -15.04 -4.16
N SER A 53 2.42 -15.55 -5.39
CA SER A 53 3.57 -16.22 -5.96
C SER A 53 3.87 -15.72 -7.36
N SER A 54 5.13 -15.35 -7.60
CA SER A 54 5.54 -14.84 -8.90
C SER A 54 6.57 -15.77 -9.55
N GLY A 55 6.08 -16.66 -10.41
CA GLY A 55 6.97 -17.59 -11.08
C GLY A 55 6.94 -18.97 -10.46
N GLY A 1 5.39 -3.47 -17.72
CA GLY A 1 4.47 -3.38 -16.60
C GLY A 1 4.77 -4.39 -15.52
N SER A 2 4.68 -5.67 -15.87
CA SER A 2 4.94 -6.74 -14.91
C SER A 2 6.44 -7.04 -14.81
N SER A 3 6.97 -6.97 -13.60
CA SER A 3 8.39 -7.22 -13.37
C SER A 3 8.59 -8.30 -12.30
N GLY A 4 8.03 -8.05 -11.12
CA GLY A 4 8.15 -9.01 -10.03
C GLY A 4 8.97 -8.47 -8.88
N SER A 5 8.31 -8.26 -7.74
CA SER A 5 8.97 -7.73 -6.55
C SER A 5 8.46 -8.43 -5.30
N SER A 6 9.37 -8.63 -4.34
CA SER A 6 9.02 -9.29 -3.09
C SER A 6 8.08 -8.42 -2.25
N GLY A 7 8.54 -7.21 -1.93
CA GLY A 7 7.73 -6.30 -1.14
C GLY A 7 7.36 -5.05 -1.91
N VAL A 8 6.10 -4.62 -1.79
CA VAL A 8 5.63 -3.43 -2.48
C VAL A 8 6.17 -2.16 -1.81
N GLU A 9 7.16 -1.55 -2.44
CA GLU A 9 7.75 -0.33 -1.90
C GLU A 9 6.75 0.82 -1.88
N LEU A 10 6.54 1.40 -0.71
CA LEU A 10 5.60 2.50 -0.56
C LEU A 10 6.35 3.83 -0.36
N HIS A 11 7.21 3.87 0.65
CA HIS A 11 7.98 5.07 0.95
C HIS A 11 8.47 5.73 -0.33
N LYS A 12 9.16 4.95 -1.16
CA LYS A 12 9.69 5.46 -2.43
C LYS A 12 8.64 6.31 -3.15
N LEU A 13 7.42 5.78 -3.24
CA LEU A 13 6.33 6.49 -3.91
C LEU A 13 6.08 7.84 -3.26
N LYS A 14 5.82 8.85 -4.08
CA LYS A 14 5.56 10.20 -3.58
C LYS A 14 4.15 10.31 -3.02
N LEU A 15 3.79 11.50 -2.55
CA LEU A 15 2.47 11.74 -1.99
C LEU A 15 1.38 11.49 -3.03
N ALA A 16 1.59 12.02 -4.23
CA ALA A 16 0.63 11.85 -5.31
C ALA A 16 0.39 10.38 -5.61
N GLU A 17 1.46 9.61 -5.68
CA GLU A 17 1.36 8.18 -5.97
C GLU A 17 0.67 7.44 -4.81
N LEU A 18 1.07 7.78 -3.59
CA LEU A 18 0.49 7.16 -2.40
C LEU A 18 -1.01 7.44 -2.31
N LYS A 19 -1.37 8.70 -2.47
CA LYS A 19 -2.78 9.11 -2.41
C LYS A 19 -3.60 8.38 -3.46
N GLN A 20 -3.04 8.22 -4.66
CA GLN A 20 -3.72 7.54 -5.74
C GLN A 20 -4.04 6.10 -5.37
N GLU A 21 -3.08 5.42 -4.75
CA GLU A 21 -3.25 4.04 -4.34
C GLU A 21 -4.39 3.91 -3.33
N CYS A 22 -4.44 4.85 -2.40
CA CYS A 22 -5.48 4.86 -1.36
C CYS A 22 -6.86 4.99 -1.99
N LEU A 23 -6.96 5.84 -3.00
CA LEU A 23 -8.23 6.08 -3.68
C LEU A 23 -8.74 4.79 -4.34
N ALA A 24 -7.85 4.09 -5.04
CA ALA A 24 -8.21 2.85 -5.71
C ALA A 24 -8.69 1.81 -4.71
N ARG A 25 -8.04 1.77 -3.55
CA ARG A 25 -8.41 0.82 -2.50
C ARG A 25 -9.72 1.22 -1.83
N GLY A 26 -9.99 2.52 -1.80
CA GLY A 26 -11.20 3.01 -1.18
C GLY A 26 -10.98 3.53 0.22
N LEU A 27 -9.85 4.20 0.43
CA LEU A 27 -9.52 4.75 1.74
C LEU A 27 -9.53 6.27 1.71
N GLU A 28 -9.23 6.89 2.85
CA GLU A 28 -9.20 8.34 2.96
C GLU A 28 -7.81 8.87 2.64
N THR A 29 -7.76 9.98 1.92
CA THR A 29 -6.49 10.60 1.55
C THR A 29 -6.06 11.65 2.57
N LYS A 30 -6.13 11.28 3.85
CA LYS A 30 -5.74 12.17 4.93
C LYS A 30 -4.41 11.74 5.56
N GLY A 31 -3.97 12.50 6.56
CA GLY A 31 -2.71 12.17 7.22
C GLY A 31 -1.50 12.47 6.35
N ILE A 32 -0.33 12.49 6.96
CA ILE A 32 0.90 12.76 6.24
C ILE A 32 1.41 11.52 5.53
N LYS A 33 2.56 11.65 4.86
CA LYS A 33 3.15 10.52 4.14
C LYS A 33 3.05 9.24 4.95
N GLN A 34 3.59 9.27 6.16
CA GLN A 34 3.55 8.10 7.04
C GLN A 34 2.12 7.60 7.23
N ASP A 35 1.20 8.53 7.42
CA ASP A 35 -0.21 8.19 7.61
C ASP A 35 -0.75 7.43 6.40
N LEU A 36 -0.41 7.91 5.22
CA LEU A 36 -0.86 7.28 3.99
C LEU A 36 -0.30 5.87 3.85
N ILE A 37 0.99 5.72 4.16
CA ILE A 37 1.66 4.43 4.08
C ILE A 37 1.09 3.45 5.12
N HIS A 38 0.88 3.95 6.32
CA HIS A 38 0.34 3.13 7.40
C HIS A 38 -1.03 2.54 7.01
N ARG A 39 -1.86 3.38 6.41
CA ARG A 39 -3.20 2.94 6.00
C ARG A 39 -3.10 1.91 4.87
N LEU A 40 -2.15 2.11 3.96
CA LEU A 40 -1.95 1.21 2.83
C LEU A 40 -1.53 -0.17 3.32
N GLN A 41 -0.59 -0.21 4.26
CA GLN A 41 -0.10 -1.46 4.81
C GLN A 41 -1.18 -2.16 5.64
N ALA A 42 -1.82 -1.40 6.52
CA ALA A 42 -2.88 -1.93 7.37
C ALA A 42 -4.00 -2.56 6.54
N TYR A 43 -4.39 -1.87 5.47
CA TYR A 43 -5.44 -2.36 4.59
C TYR A 43 -4.98 -3.60 3.83
N LEU A 44 -3.74 -3.57 3.37
CA LEU A 44 -3.17 -4.69 2.61
C LEU A 44 -3.15 -5.95 3.46
N GLU A 45 -2.66 -5.83 4.69
CA GLU A 45 -2.59 -6.97 5.60
C GLU A 45 -3.98 -7.49 5.94
N GLU A 46 -4.91 -6.57 6.13
CA GLU A 46 -6.29 -6.94 6.46
C GLU A 46 -6.91 -7.79 5.35
N HIS A 47 -6.70 -7.37 4.11
CA HIS A 47 -7.24 -8.09 2.96
C HIS A 47 -6.12 -8.82 2.21
N ALA A 48 -5.20 -9.40 2.97
CA ALA A 48 -4.08 -10.14 2.37
C ALA A 48 -4.56 -11.06 1.25
N GLU A 49 -5.73 -11.67 1.45
CA GLU A 49 -6.29 -12.56 0.46
C GLU A 49 -6.19 -11.98 -0.94
N SER A 50 -6.60 -10.72 -1.09
CA SER A 50 -6.56 -10.04 -2.37
C SER A 50 -5.14 -10.03 -2.93
N GLY A 51 -4.99 -10.48 -4.17
CA GLY A 51 -3.68 -10.52 -4.80
C GLY A 51 -3.65 -9.77 -6.11
N PRO A 52 -3.47 -8.45 -6.04
CA PRO A 52 -3.42 -7.58 -7.23
C PRO A 52 -2.16 -7.81 -8.06
N SER A 53 -2.00 -7.02 -9.11
CA SER A 53 -0.84 -7.13 -9.98
C SER A 53 0.23 -6.12 -9.61
N SER A 54 1.39 -6.22 -10.24
CA SER A 54 2.50 -5.33 -9.96
C SER A 54 2.39 -4.06 -10.81
N GLY A 55 1.20 -3.49 -10.87
CA GLY A 55 0.99 -2.28 -11.64
C GLY A 55 1.51 -1.04 -10.95
N GLY A 1 19.42 -6.73 -16.28
CA GLY A 1 18.54 -7.79 -16.76
C GLY A 1 17.19 -7.78 -16.08
N SER A 2 16.50 -8.91 -16.12
CA SER A 2 15.18 -9.03 -15.50
C SER A 2 15.13 -8.25 -14.18
N SER A 3 14.42 -7.14 -14.19
CA SER A 3 14.29 -6.31 -13.00
C SER A 3 12.99 -6.61 -12.26
N GLY A 4 13.12 -7.00 -10.99
CA GLY A 4 11.94 -7.32 -10.19
C GLY A 4 12.25 -7.40 -8.71
N SER A 5 13.14 -8.33 -8.35
CA SER A 5 13.52 -8.52 -6.96
C SER A 5 14.66 -7.59 -6.58
N SER A 6 14.57 -6.34 -7.02
CA SER A 6 15.60 -5.34 -6.73
C SER A 6 15.37 -4.72 -5.35
N GLY A 7 14.19 -4.15 -5.16
CA GLY A 7 13.87 -3.53 -3.89
C GLY A 7 12.82 -2.43 -4.03
N VAL A 8 11.55 -2.83 -3.92
CA VAL A 8 10.46 -1.88 -4.03
C VAL A 8 9.88 -1.53 -2.65
N GLU A 9 9.73 -0.23 -2.40
CA GLU A 9 9.19 0.22 -1.12
C GLU A 9 8.05 1.22 -1.34
N LEU A 10 7.14 1.29 -0.38
CA LEU A 10 6.00 2.19 -0.46
C LEU A 10 6.44 3.63 -0.24
N HIS A 11 7.31 3.84 0.75
CA HIS A 11 7.81 5.18 1.06
C HIS A 11 8.29 5.89 -0.20
N LYS A 12 9.18 5.25 -0.93
CA LYS A 12 9.71 5.82 -2.16
C LYS A 12 8.65 6.63 -2.90
N LEU A 13 7.49 6.01 -3.12
CA LEU A 13 6.39 6.67 -3.80
C LEU A 13 6.06 8.01 -3.15
N LYS A 14 5.87 9.03 -3.97
CA LYS A 14 5.55 10.36 -3.47
C LYS A 14 4.12 10.41 -2.93
N LEU A 15 3.74 11.56 -2.37
CA LEU A 15 2.40 11.73 -1.82
C LEU A 15 1.34 11.49 -2.87
N ALA A 16 1.57 12.01 -4.07
CA ALA A 16 0.63 11.83 -5.17
C ALA A 16 0.38 10.36 -5.47
N GLU A 17 1.46 9.58 -5.50
CA GLU A 17 1.36 8.15 -5.77
C GLU A 17 0.60 7.44 -4.65
N LEU A 18 0.92 7.79 -3.41
CA LEU A 18 0.28 7.19 -2.25
C LEU A 18 -1.21 7.52 -2.23
N LYS A 19 -1.54 8.80 -2.43
CA LYS A 19 -2.93 9.23 -2.43
C LYS A 19 -3.72 8.51 -3.52
N GLN A 20 -3.11 8.36 -4.69
CA GLN A 20 -3.76 7.69 -5.81
C GLN A 20 -4.13 6.26 -5.45
N GLU A 21 -3.19 5.56 -4.81
CA GLU A 21 -3.42 4.17 -4.41
C GLU A 21 -4.59 4.07 -3.44
N CYS A 22 -4.65 5.01 -2.49
CA CYS A 22 -5.72 5.02 -1.50
C CYS A 22 -7.06 5.31 -2.15
N LEU A 23 -7.07 6.24 -3.10
CA LEU A 23 -8.30 6.60 -3.80
C LEU A 23 -8.87 5.41 -4.56
N ALA A 24 -8.00 4.70 -5.28
CA ALA A 24 -8.42 3.54 -6.04
C ALA A 24 -8.94 2.43 -5.13
N ARG A 25 -8.30 2.29 -3.97
CA ARG A 25 -8.71 1.26 -3.01
C ARG A 25 -9.95 1.70 -2.24
N GLY A 26 -10.10 3.01 -2.06
CA GLY A 26 -11.25 3.54 -1.34
C GLY A 26 -10.95 3.79 0.12
N LEU A 27 -9.77 4.30 0.41
CA LEU A 27 -9.35 4.59 1.78
C LEU A 27 -9.24 6.09 2.01
N GLU A 28 -8.87 6.48 3.22
CA GLU A 28 -8.73 7.88 3.58
C GLU A 28 -7.39 8.43 3.11
N THR A 29 -7.43 9.35 2.15
CA THR A 29 -6.21 9.96 1.61
C THR A 29 -5.78 11.16 2.45
N LYS A 30 -6.15 11.16 3.72
CA LYS A 30 -5.81 12.25 4.62
C LYS A 30 -4.64 11.86 5.53
N GLY A 31 -3.67 12.77 5.66
CA GLY A 31 -2.52 12.50 6.50
C GLY A 31 -1.22 12.56 5.71
N ILE A 32 -0.11 12.69 6.43
CA ILE A 32 1.21 12.75 5.80
C ILE A 32 1.56 11.42 5.15
N LYS A 33 2.73 11.38 4.52
CA LYS A 33 3.20 10.17 3.84
C LYS A 33 3.05 8.95 4.75
N GLN A 34 3.54 9.08 5.98
CA GLN A 34 3.46 7.99 6.95
C GLN A 34 2.00 7.56 7.16
N ASP A 35 1.10 8.53 7.22
CA ASP A 35 -0.31 8.25 7.42
C ASP A 35 -0.88 7.46 6.24
N LEU A 36 -0.51 7.87 5.03
CA LEU A 36 -0.99 7.20 3.82
C LEU A 36 -0.45 5.77 3.75
N ILE A 37 0.85 5.61 3.98
CA ILE A 37 1.48 4.30 3.94
C ILE A 37 0.94 3.41 5.05
N HIS A 38 0.84 3.94 6.25
CA HIS A 38 0.33 3.19 7.39
C HIS A 38 -1.03 2.59 7.08
N ARG A 39 -1.91 3.39 6.49
CA ARG A 39 -3.25 2.93 6.14
C ARG A 39 -3.19 1.85 5.07
N LEU A 40 -2.33 2.05 4.08
CA LEU A 40 -2.17 1.09 2.99
C LEU A 40 -1.67 -0.25 3.51
N GLN A 41 -0.72 -0.21 4.44
CA GLN A 41 -0.16 -1.42 5.02
C GLN A 41 -1.24 -2.22 5.75
N ALA A 42 -2.03 -1.52 6.56
CA ALA A 42 -3.10 -2.18 7.31
C ALA A 42 -4.08 -2.89 6.38
N TYR A 43 -4.45 -2.21 5.30
CA TYR A 43 -5.40 -2.77 4.34
C TYR A 43 -4.79 -4.00 3.65
N LEU A 44 -3.48 -3.96 3.42
CA LEU A 44 -2.78 -5.07 2.79
C LEU A 44 -2.81 -6.31 3.67
N GLU A 45 -2.49 -6.12 4.94
CA GLU A 45 -2.47 -7.23 5.89
C GLU A 45 -3.89 -7.70 6.22
N GLU A 46 -4.77 -6.75 6.50
CA GLU A 46 -6.15 -7.06 6.83
C GLU A 46 -6.80 -7.89 5.73
N HIS A 47 -6.43 -7.61 4.48
CA HIS A 47 -6.96 -8.33 3.33
C HIS A 47 -6.16 -9.60 3.07
N ALA A 48 -4.91 -9.44 2.67
CA ALA A 48 -4.04 -10.57 2.39
C ALA A 48 -2.84 -10.59 3.33
N GLU A 49 -2.88 -11.51 4.30
CA GLU A 49 -1.80 -11.64 5.27
C GLU A 49 -0.44 -11.71 4.57
N SER A 50 -0.32 -12.62 3.61
CA SER A 50 0.92 -12.80 2.87
C SER A 50 0.65 -12.83 1.36
N GLY A 51 1.70 -12.60 0.58
CA GLY A 51 1.57 -12.60 -0.86
C GLY A 51 1.90 -13.94 -1.48
N PRO A 52 1.26 -14.27 -2.61
CA PRO A 52 1.48 -15.53 -3.32
C PRO A 52 2.86 -15.60 -3.96
N SER A 53 3.25 -14.53 -4.64
CA SER A 53 4.54 -14.48 -5.31
C SER A 53 5.34 -13.26 -4.85
N SER A 54 6.66 -13.39 -4.83
CA SER A 54 7.53 -12.31 -4.41
C SER A 54 7.55 -11.18 -5.44
N GLY A 55 7.84 -9.97 -4.99
CA GLY A 55 7.88 -8.83 -5.89
C GLY A 55 6.50 -8.29 -6.19
N GLY A 1 3.74 -12.89 -22.38
CA GLY A 1 4.08 -11.70 -21.63
C GLY A 1 4.90 -12.02 -20.39
N SER A 2 5.72 -11.06 -19.95
CA SER A 2 6.55 -11.25 -18.78
C SER A 2 6.19 -10.25 -17.69
N SER A 3 5.26 -10.64 -16.82
CA SER A 3 4.82 -9.77 -15.74
C SER A 3 5.00 -10.46 -14.38
N GLY A 4 5.25 -9.67 -13.35
CA GLY A 4 5.45 -10.21 -12.02
C GLY A 4 6.02 -9.20 -11.05
N SER A 5 5.30 -8.97 -9.95
CA SER A 5 5.74 -8.02 -8.94
C SER A 5 6.45 -8.72 -7.80
N SER A 6 7.47 -8.06 -7.25
CA SER A 6 8.23 -8.63 -6.14
C SER A 6 8.24 -7.68 -4.95
N GLY A 7 7.10 -7.08 -4.67
CA GLY A 7 6.99 -6.16 -3.55
C GLY A 7 6.53 -4.77 -3.98
N VAL A 8 6.46 -3.85 -3.02
CA VAL A 8 6.02 -2.49 -3.29
C VAL A 8 6.89 -1.48 -2.55
N GLU A 9 7.47 -0.54 -3.29
CA GLU A 9 8.32 0.48 -2.70
C GLU A 9 7.50 1.69 -2.27
N LEU A 10 6.54 1.47 -1.39
CA LEU A 10 5.67 2.54 -0.90
C LEU A 10 6.50 3.75 -0.49
N HIS A 11 7.36 3.57 0.52
CA HIS A 11 8.21 4.64 1.00
C HIS A 11 8.72 5.51 -0.15
N LYS A 12 9.15 4.85 -1.22
CA LYS A 12 9.66 5.55 -2.39
C LYS A 12 8.57 6.38 -3.06
N LEU A 13 7.39 5.79 -3.21
CA LEU A 13 6.26 6.48 -3.83
C LEU A 13 6.03 7.83 -3.17
N LYS A 14 5.98 8.87 -3.98
CA LYS A 14 5.75 10.23 -3.50
C LYS A 14 4.37 10.35 -2.86
N LEU A 15 4.11 11.51 -2.26
CA LEU A 15 2.83 11.76 -1.61
C LEU A 15 1.67 11.58 -2.60
N ALA A 16 1.83 12.12 -3.80
CA ALA A 16 0.81 12.02 -4.83
C ALA A 16 0.52 10.56 -5.17
N GLU A 17 1.57 9.75 -5.24
CA GLU A 17 1.44 8.33 -5.55
C GLU A 17 0.66 7.61 -4.46
N LEU A 18 1.00 7.90 -3.21
CA LEU A 18 0.33 7.27 -2.07
C LEU A 18 -1.16 7.60 -2.07
N LYS A 19 -1.49 8.87 -2.27
CA LYS A 19 -2.88 9.30 -2.29
C LYS A 19 -3.67 8.55 -3.37
N GLN A 20 -3.06 8.38 -4.54
CA GLN A 20 -3.70 7.68 -5.63
C GLN A 20 -4.05 6.25 -5.25
N GLU A 21 -3.11 5.59 -4.59
CA GLU A 21 -3.31 4.20 -4.16
C GLU A 21 -4.52 4.10 -3.23
N CYS A 22 -4.62 5.03 -2.29
CA CYS A 22 -5.73 5.03 -1.34
C CYS A 22 -7.06 5.21 -2.06
N LEU A 23 -7.05 6.03 -3.11
CA LEU A 23 -8.27 6.29 -3.87
C LEU A 23 -8.79 5.02 -4.52
N ALA A 24 -7.89 4.27 -5.14
CA ALA A 24 -8.25 3.02 -5.80
C ALA A 24 -8.63 1.95 -4.78
N ARG A 25 -7.90 1.92 -3.67
CA ARG A 25 -8.16 0.94 -2.61
C ARG A 25 -9.54 1.18 -1.98
N GLY A 26 -9.97 2.44 -1.99
CA GLY A 26 -11.26 2.77 -1.42
C GLY A 26 -11.15 3.36 -0.02
N LEU A 27 -9.99 3.93 0.28
CA LEU A 27 -9.75 4.53 1.59
C LEU A 27 -9.75 6.05 1.51
N GLU A 28 -9.45 6.70 2.63
CA GLU A 28 -9.41 8.15 2.68
C GLU A 28 -8.00 8.68 2.41
N THR A 29 -7.91 9.93 1.99
CA THR A 29 -6.63 10.55 1.69
C THR A 29 -6.22 11.52 2.80
N LYS A 30 -6.30 11.06 4.04
CA LYS A 30 -5.93 11.88 5.18
C LYS A 30 -4.51 11.59 5.63
N GLY A 31 -4.07 12.29 6.68
CA GLY A 31 -2.72 12.09 7.18
C GLY A 31 -1.66 12.46 6.17
N ILE A 32 -0.40 12.42 6.59
CA ILE A 32 0.71 12.75 5.71
C ILE A 32 1.28 11.50 5.04
N LYS A 33 2.35 11.67 4.29
CA LYS A 33 2.99 10.55 3.60
C LYS A 33 3.00 9.31 4.48
N GLN A 34 3.65 9.41 5.64
CA GLN A 34 3.73 8.29 6.56
C GLN A 34 2.35 7.73 6.87
N ASP A 35 1.40 8.63 7.12
CA ASP A 35 0.03 8.23 7.43
C ASP A 35 -0.57 7.41 6.29
N LEU A 36 -0.34 7.87 5.07
CA LEU A 36 -0.87 7.18 3.89
C LEU A 36 -0.26 5.79 3.76
N ILE A 37 1.05 5.69 4.02
CA ILE A 37 1.74 4.42 3.92
C ILE A 37 1.21 3.43 4.96
N HIS A 38 0.98 3.92 6.18
CA HIS A 38 0.46 3.07 7.26
C HIS A 38 -0.92 2.52 6.90
N ARG A 39 -1.76 3.37 6.31
CA ARG A 39 -3.10 2.97 5.93
C ARG A 39 -3.07 1.92 4.83
N LEU A 40 -2.12 2.08 3.91
CA LEU A 40 -1.97 1.15 2.80
C LEU A 40 -1.55 -0.24 3.29
N GLN A 41 -0.59 -0.25 4.19
CA GLN A 41 -0.10 -1.52 4.75
C GLN A 41 -1.17 -2.20 5.58
N ALA A 42 -1.82 -1.43 6.46
CA ALA A 42 -2.87 -1.97 7.30
C ALA A 42 -3.98 -2.62 6.47
N TYR A 43 -4.33 -1.98 5.37
CA TYR A 43 -5.37 -2.50 4.49
C TYR A 43 -4.92 -3.79 3.81
N LEU A 44 -3.65 -3.83 3.42
CA LEU A 44 -3.09 -5.00 2.75
C LEU A 44 -3.11 -6.22 3.68
N GLU A 45 -2.66 -6.02 4.92
CA GLU A 45 -2.63 -7.10 5.90
C GLU A 45 -4.03 -7.54 6.26
N GLU A 46 -4.91 -6.57 6.53
CA GLU A 46 -6.29 -6.86 6.89
C GLU A 46 -6.99 -7.65 5.78
N HIS A 47 -6.81 -7.21 4.54
CA HIS A 47 -7.42 -7.87 3.39
C HIS A 47 -6.39 -8.68 2.62
N ALA A 48 -5.52 -9.38 3.36
CA ALA A 48 -4.48 -10.20 2.75
C ALA A 48 -5.08 -11.41 2.05
N GLU A 49 -6.10 -12.00 2.67
CA GLU A 49 -6.76 -13.17 2.11
C GLU A 49 -7.41 -12.85 0.77
N SER A 50 -8.11 -11.71 0.72
CA SER A 50 -8.79 -11.28 -0.49
C SER A 50 -7.79 -10.69 -1.49
N GLY A 51 -8.24 -10.47 -2.72
CA GLY A 51 -7.38 -9.90 -3.74
C GLY A 51 -6.19 -10.79 -4.04
N PRO A 52 -6.38 -11.80 -4.90
CA PRO A 52 -5.33 -12.73 -5.29
C PRO A 52 -4.25 -12.07 -6.15
N SER A 53 -3.03 -11.99 -5.63
CA SER A 53 -1.93 -11.39 -6.35
C SER A 53 -2.36 -10.10 -7.03
N SER A 54 -3.16 -9.30 -6.33
CA SER A 54 -3.65 -8.04 -6.87
C SER A 54 -3.26 -6.87 -5.97
N GLY A 55 -2.19 -6.18 -6.33
CA GLY A 55 -1.74 -5.05 -5.54
C GLY A 55 -2.61 -3.83 -5.71
N GLY A 1 3.69 -13.50 -13.87
CA GLY A 1 4.11 -12.44 -14.76
C GLY A 1 5.57 -12.57 -15.16
N SER A 2 6.05 -11.63 -15.97
CA SER A 2 7.43 -11.64 -16.43
C SER A 2 8.08 -10.28 -16.20
N SER A 3 7.35 -9.21 -16.50
CA SER A 3 7.86 -7.86 -16.32
C SER A 3 7.32 -7.23 -15.05
N GLY A 4 7.99 -7.48 -13.93
CA GLY A 4 7.55 -6.93 -12.66
C GLY A 4 7.40 -5.43 -12.71
N SER A 5 6.16 -4.95 -12.72
CA SER A 5 5.88 -3.52 -12.76
C SER A 5 6.61 -2.79 -11.65
N SER A 6 7.51 -1.89 -12.02
CA SER A 6 8.27 -1.12 -11.05
C SER A 6 7.35 -0.39 -10.08
N GLY A 7 7.79 -0.28 -8.82
CA GLY A 7 6.98 0.40 -7.82
C GLY A 7 6.27 -0.57 -6.91
N VAL A 8 7.03 -1.20 -6.00
CA VAL A 8 6.46 -2.16 -5.07
C VAL A 8 6.64 -1.69 -3.63
N GLU A 9 7.44 -0.63 -3.45
CA GLU A 9 7.70 -0.09 -2.12
C GLU A 9 7.00 1.25 -1.94
N LEU A 10 6.12 1.32 -0.96
CA LEU A 10 5.38 2.54 -0.68
C LEU A 10 6.31 3.65 -0.17
N HIS A 11 7.17 3.28 0.78
CA HIS A 11 8.11 4.23 1.36
C HIS A 11 8.76 5.08 0.26
N LYS A 12 8.97 4.48 -0.90
CA LYS A 12 9.58 5.19 -2.03
C LYS A 12 8.53 5.98 -2.80
N LEU A 13 7.35 5.39 -2.96
CA LEU A 13 6.26 6.04 -3.68
C LEU A 13 6.05 7.46 -3.17
N LYS A 14 5.91 8.40 -4.10
CA LYS A 14 5.70 9.80 -3.75
C LYS A 14 4.35 9.99 -3.06
N LEU A 15 4.15 11.16 -2.47
CA LEU A 15 2.91 11.47 -1.78
C LEU A 15 1.72 11.42 -2.75
N ALA A 16 1.91 12.02 -3.92
CA ALA A 16 0.86 12.04 -4.94
C ALA A 16 0.42 10.63 -5.30
N GLU A 17 1.39 9.74 -5.44
CA GLU A 17 1.10 8.35 -5.80
C GLU A 17 0.36 7.64 -4.66
N LEU A 18 0.77 7.92 -3.43
CA LEU A 18 0.16 7.31 -2.27
C LEU A 18 -1.33 7.67 -2.19
N LYS A 19 -1.65 8.92 -2.46
CA LYS A 19 -3.03 9.38 -2.44
C LYS A 19 -3.86 8.71 -3.52
N GLN A 20 -3.30 8.64 -4.72
CA GLN A 20 -3.98 8.01 -5.85
C GLN A 20 -4.27 6.54 -5.56
N GLU A 21 -3.28 5.84 -5.01
CA GLU A 21 -3.43 4.43 -4.68
C GLU A 21 -4.53 4.21 -3.66
N CYS A 22 -4.55 5.06 -2.64
CA CYS A 22 -5.56 4.97 -1.59
C CYS A 22 -6.97 5.18 -2.15
N LEU A 23 -7.07 6.09 -3.11
CA LEU A 23 -8.35 6.40 -3.74
C LEU A 23 -8.90 5.18 -4.49
N ALA A 24 -8.03 4.52 -5.24
CA ALA A 24 -8.42 3.33 -6.00
C ALA A 24 -8.77 2.17 -5.07
N ARG A 25 -8.01 2.04 -3.99
CA ARG A 25 -8.24 0.98 -3.02
C ARG A 25 -9.50 1.23 -2.21
N GLY A 26 -9.79 2.51 -1.96
CA GLY A 26 -10.96 2.87 -1.20
C GLY A 26 -10.65 3.17 0.26
N LEU A 27 -9.53 3.83 0.50
CA LEU A 27 -9.11 4.19 1.85
C LEU A 27 -9.18 5.69 2.07
N GLU A 28 -8.81 6.13 3.27
CA GLU A 28 -8.82 7.54 3.61
C GLU A 28 -7.53 8.22 3.17
N THR A 29 -7.65 9.21 2.29
CA THR A 29 -6.49 9.93 1.79
C THR A 29 -6.16 11.12 2.69
N LYS A 30 -6.32 10.93 3.99
CA LYS A 30 -6.04 11.99 4.96
C LYS A 30 -4.78 11.67 5.76
N GLY A 31 -3.97 12.70 6.03
CA GLY A 31 -2.75 12.51 6.79
C GLY A 31 -1.51 12.75 5.96
N ILE A 32 -0.35 12.64 6.59
CA ILE A 32 0.92 12.85 5.91
C ILE A 32 1.39 11.58 5.20
N LYS A 33 2.51 11.68 4.52
CA LYS A 33 3.08 10.53 3.80
C LYS A 33 3.03 9.28 4.67
N GLN A 34 3.52 9.39 5.89
CA GLN A 34 3.54 8.26 6.81
C GLN A 34 2.11 7.77 7.09
N ASP A 35 1.18 8.71 7.19
CA ASP A 35 -0.21 8.37 7.45
C ASP A 35 -0.81 7.57 6.30
N LEU A 36 -0.52 8.01 5.08
CA LEU A 36 -1.02 7.32 3.88
C LEU A 36 -0.45 5.92 3.78
N ILE A 37 0.85 5.79 4.02
CA ILE A 37 1.51 4.49 3.95
C ILE A 37 1.02 3.56 5.05
N HIS A 38 0.92 4.09 6.27
CA HIS A 38 0.45 3.30 7.40
C HIS A 38 -0.93 2.70 7.11
N ARG A 39 -1.79 3.49 6.49
CA ARG A 39 -3.15 3.04 6.17
C ARG A 39 -3.11 2.00 5.05
N LEU A 40 -2.26 2.24 4.06
CA LEU A 40 -2.13 1.32 2.93
C LEU A 40 -1.64 -0.05 3.39
N GLN A 41 -0.71 -0.03 4.34
CA GLN A 41 -0.15 -1.27 4.87
C GLN A 41 -1.18 -2.03 5.70
N ALA A 42 -1.86 -1.31 6.58
CA ALA A 42 -2.89 -1.92 7.43
C ALA A 42 -3.97 -2.59 6.60
N TYR A 43 -4.43 -1.88 5.57
CA TYR A 43 -5.47 -2.41 4.70
C TYR A 43 -4.96 -3.59 3.88
N LEU A 44 -3.71 -3.50 3.42
CA LEU A 44 -3.11 -4.57 2.64
C LEU A 44 -2.95 -5.84 3.47
N GLU A 45 -2.41 -5.69 4.68
CA GLU A 45 -2.21 -6.83 5.57
C GLU A 45 -3.55 -7.46 5.95
N GLU A 46 -4.56 -6.62 6.14
CA GLU A 46 -5.90 -7.09 6.51
C GLU A 46 -6.56 -7.81 5.34
N HIS A 47 -6.57 -7.16 4.19
CA HIS A 47 -7.18 -7.74 2.99
C HIS A 47 -6.19 -8.64 2.26
N ALA A 48 -5.48 -9.47 3.03
CA ALA A 48 -4.50 -10.38 2.46
C ALA A 48 -5.16 -11.69 2.05
N GLU A 49 -4.42 -12.50 1.28
CA GLU A 49 -4.94 -13.78 0.81
C GLU A 49 -4.12 -14.94 1.37
N SER A 50 -2.79 -14.81 1.29
CA SER A 50 -1.89 -15.84 1.78
C SER A 50 -1.79 -15.79 3.31
N GLY A 51 -2.28 -16.84 3.96
CA GLY A 51 -2.23 -16.89 5.41
C GLY A 51 -1.44 -18.07 5.92
N PRO A 52 -0.98 -17.99 7.18
CA PRO A 52 -0.19 -19.04 7.81
C PRO A 52 -1.02 -20.29 8.10
N SER A 53 -0.91 -21.29 7.23
CA SER A 53 -1.65 -22.53 7.39
C SER A 53 -0.86 -23.52 8.24
N SER A 54 -0.26 -23.02 9.31
CA SER A 54 0.52 -23.87 10.20
C SER A 54 -0.08 -23.87 11.61
N GLY A 55 -0.70 -25.00 11.97
CA GLY A 55 -1.30 -25.12 13.28
C GLY A 55 -2.39 -24.08 13.52
#